data_9DYY
# 
_entry.id   9DYY 
# 
_audit_conform.dict_name       mmcif_pdbx.dic 
_audit_conform.dict_version    5.403 
_audit_conform.dict_location   http://mmcif.pdb.org/dictionaries/ascii/mmcif_pdbx.dic 
# 
loop_
_database_2.database_id 
_database_2.database_code 
_database_2.pdbx_database_accession 
_database_2.pdbx_DOI 
PDB   9DYY         pdb_00009dyy 10.2210/pdb9dyy/pdb 
WWPDB D_1000289118 ?            ?                   
# 
loop_
_pdbx_audit_revision_history.ordinal 
_pdbx_audit_revision_history.data_content_type 
_pdbx_audit_revision_history.major_revision 
_pdbx_audit_revision_history.minor_revision 
_pdbx_audit_revision_history.revision_date 
_pdbx_audit_revision_history.part_number 
1 'Structure model' 1 0 2025-03-26 ? 
2 'Structure model' 1 1 2025-04-16 ? 
# 
_pdbx_audit_revision_details.ordinal             1 
_pdbx_audit_revision_details.revision_ordinal    1 
_pdbx_audit_revision_details.data_content_type   'Structure model' 
_pdbx_audit_revision_details.provider            repository 
_pdbx_audit_revision_details.type                'Initial release' 
_pdbx_audit_revision_details.description         ? 
_pdbx_audit_revision_details.details             ? 
# 
_pdbx_audit_revision_group.ordinal             1 
_pdbx_audit_revision_group.revision_ordinal    2 
_pdbx_audit_revision_group.data_content_type   'Structure model' 
_pdbx_audit_revision_group.group               'Database references' 
# 
loop_
_pdbx_audit_revision_category.ordinal 
_pdbx_audit_revision_category.revision_ordinal 
_pdbx_audit_revision_category.data_content_type 
_pdbx_audit_revision_category.category 
1 2 'Structure model' citation        
2 2 'Structure model' citation_author 
# 
loop_
_pdbx_audit_revision_item.ordinal 
_pdbx_audit_revision_item.revision_ordinal 
_pdbx_audit_revision_item.data_content_type 
_pdbx_audit_revision_item.item 
1 2 'Structure model' '_citation.journal_volume'          
2 2 'Structure model' '_citation.page_first'              
3 2 'Structure model' '_citation.page_last'               
4 2 'Structure model' '_citation_author.identifier_ORCID' 
# 
_pdbx_database_status.status_code                     REL 
_pdbx_database_status.status_code_sf                  REL 
_pdbx_database_status.status_code_mr                  ? 
_pdbx_database_status.entry_id                        9DYY 
_pdbx_database_status.recvd_initial_deposition_date   2024-10-15 
_pdbx_database_status.SG_entry                        N 
_pdbx_database_status.deposit_site                    RCSB 
_pdbx_database_status.process_site                    RCSB 
_pdbx_database_status.status_code_cs                  ? 
_pdbx_database_status.status_code_nmr_data            ? 
_pdbx_database_status.methods_development_category    ? 
_pdbx_database_status.pdb_format_compatible           Y 
# 
_pdbx_contact_author.id                 2 
_pdbx_contact_author.email              jraskato@ucsc.edu 
_pdbx_contact_author.name_first         Jevgenij 
_pdbx_contact_author.name_last          Raskatov 
_pdbx_contact_author.name_mi            A 
_pdbx_contact_author.role               'principal investigator/group leader' 
_pdbx_contact_author.identifier_ORCID   0000-0002-0082-9113 
# 
loop_
_audit_author.name 
_audit_author.pdbx_ordinal 
_audit_author.identifier_ORCID 
'Sawaya, M.R.'   1 0000-0003-0874-9043 
'Raskatov, J.A.' 2 0000-0002-0082-9113 
'Hazari, A.'     3 0009-0005-2071-1322 
# 
_citation.abstract                  ? 
_citation.abstract_id_CAS           ? 
_citation.book_id_ISBN              ? 
_citation.book_publisher            ? 
_citation.book_publisher_city       ? 
_citation.book_title                ? 
_citation.coordinate_linkage        ? 
_citation.country                   UK 
_citation.database_id_Medline       ? 
_citation.details                   ? 
_citation.id                        primary 
_citation.journal_abbrev            'Chem Sci' 
_citation.journal_id_ASTM           ? 
_citation.journal_id_CSD            ? 
_citation.journal_id_ISSN           2041-6520 
_citation.journal_full              ? 
_citation.journal_issue             ? 
_citation.journal_volume            16 
_citation.language                  ? 
_citation.page_first                5907 
_citation.page_last                 5917 
_citation.title                     
;Formation of rippled beta-sheets from mixed chirality linear and cyclic peptides-new structural motifs based on the pauling-corey rippled beta-sheet.
;
_citation.year                      2025 
_citation.database_id_CSD           ? 
_citation.pdbx_database_id_DOI      10.1039/d4sc08079c 
_citation.pdbx_database_id_PubMed   40060095 
_citation.pdbx_database_id_patent   ? 
_citation.unpublished_flag          ? 
# 
loop_
_citation_author.citation_id 
_citation_author.name 
_citation_author.ordinal 
_citation_author.identifier_ORCID 
primary 'Hazari, A.'        1 ? 
primary 'Sawaya, M.R.'      2 ? 
primary 'Lee, H.'           3 ? 
primary 'Sajimon, M.'       4 ? 
primary 'Kim, H.'           5 ? 
primary 'Goddard Iii, W.A.' 6 ? 
primary 'Eisenberg, D.'     7 ? 
primary 'Raskatov, J.A.'    8 ? 
# 
loop_
_entity.id 
_entity.type 
_entity.src_method 
_entity.pdbx_description 
_entity.formula_weight 
_entity.pdbx_number_of_molecules 
_entity.pdbx_ec 
_entity.pdbx_mutation 
_entity.pdbx_fragment 
_entity.details 
1 polymer     syn 'VVGG(DVA)(DVA)'                  526.650 4 ? ? ? ? 
2 non-polymer syn 1,1,1,3,3,3-hexafluoropropan-2-ol 168.038 4 ? ? ? ? 
# 
_entity_poly.entity_id                      1 
_entity_poly.type                           'polypeptide(L)' 
_entity_poly.nstd_linkage                   no 
_entity_poly.nstd_monomer                   yes 
_entity_poly.pdbx_seq_one_letter_code       'VVGG(DVA)(DVA)(NH2)' 
_entity_poly.pdbx_seq_one_letter_code_can   VVGGVVX 
_entity_poly.pdbx_strand_id                 A,B,C,D 
_entity_poly.pdbx_target_identifier         ? 
# 
_pdbx_entity_nonpoly.entity_id   2 
_pdbx_entity_nonpoly.name        1,1,1,3,3,3-hexafluoropropan-2-ol 
_pdbx_entity_nonpoly.comp_id     CFH 
# 
loop_
_entity_poly_seq.entity_id 
_entity_poly_seq.num 
_entity_poly_seq.mon_id 
_entity_poly_seq.hetero 
1 1 VAL n 
1 2 VAL n 
1 3 GLY n 
1 4 GLY n 
1 5 DVA n 
1 6 DVA n 
1 7 NH2 n 
# 
_pdbx_entity_src_syn.entity_id              1 
_pdbx_entity_src_syn.pdbx_src_id            1 
_pdbx_entity_src_syn.pdbx_alt_source_flag   sample 
_pdbx_entity_src_syn.pdbx_beg_seq_num       1 
_pdbx_entity_src_syn.pdbx_end_seq_num       7 
_pdbx_entity_src_syn.organism_scientific    'synthetic construct' 
_pdbx_entity_src_syn.organism_common_name   ? 
_pdbx_entity_src_syn.ncbi_taxonomy_id       32630 
_pdbx_entity_src_syn.details                ? 
# 
loop_
_chem_comp.id 
_chem_comp.type 
_chem_comp.mon_nstd_flag 
_chem_comp.name 
_chem_comp.pdbx_synonyms 
_chem_comp.formula 
_chem_comp.formula_weight 
CFH non-polymer         . 1,1,1,3,3,3-hexafluoropropan-2-ol ? 'C3 H2 F6 O'  168.038 
DVA 'D-peptide linking' . D-VALINE                          ? 'C5 H11 N O2' 117.146 
GLY 'peptide linking'   y GLYCINE                           ? 'C2 H5 N O2'  75.067  
NH2 non-polymer         . 'AMINO GROUP'                     ? 'H2 N'        16.023  
VAL 'L-peptide linking' y VALINE                            ? 'C5 H11 N O2' 117.146 
# 
loop_
_pdbx_poly_seq_scheme.asym_id 
_pdbx_poly_seq_scheme.entity_id 
_pdbx_poly_seq_scheme.seq_id 
_pdbx_poly_seq_scheme.mon_id 
_pdbx_poly_seq_scheme.ndb_seq_num 
_pdbx_poly_seq_scheme.pdb_seq_num 
_pdbx_poly_seq_scheme.auth_seq_num 
_pdbx_poly_seq_scheme.pdb_mon_id 
_pdbx_poly_seq_scheme.auth_mon_id 
_pdbx_poly_seq_scheme.pdb_strand_id 
_pdbx_poly_seq_scheme.pdb_ins_code 
_pdbx_poly_seq_scheme.hetero 
A 1 1 VAL 1 1 1 VAL VAL A . n 
A 1 2 VAL 2 2 2 VAL VAL A . n 
A 1 3 GLY 3 3 3 GLY GLY A . n 
A 1 4 GLY 4 4 4 GLY GLY A . n 
A 1 5 DVA 5 5 5 DVA DVA A . n 
A 1 6 DVA 6 6 6 DVA DVY A . n 
A 1 7 NH2 7 7 6 NH2 DVY A . n 
B 1 1 VAL 1 1 1 VAL VAL B . n 
B 1 2 VAL 2 2 2 VAL VAL B . n 
B 1 3 GLY 3 3 3 GLY GLY B . n 
B 1 4 GLY 4 4 4 GLY GLY B . n 
B 1 5 DVA 5 5 5 DVA DVA B . n 
B 1 6 DVA 6 6 6 DVA DVY B . n 
B 1 7 NH2 7 7 6 NH2 DVY B . n 
C 1 1 VAL 1 1 1 VAL VAL C . n 
C 1 2 VAL 2 2 2 VAL VAL C . n 
C 1 3 GLY 3 3 3 GLY GLY C . n 
C 1 4 GLY 4 4 4 GLY GLY C . n 
C 1 5 DVA 5 5 5 DVA DVA C . n 
C 1 6 DVA 6 6 6 DVA DVY C . n 
C 1 7 NH2 7 7 6 NH2 DVY C . n 
D 1 1 VAL 1 1 1 VAL VAL D . n 
D 1 2 VAL 2 2 2 VAL VAL D . n 
D 1 3 GLY 3 3 3 GLY GLY D . n 
D 1 4 GLY 4 4 4 GLY GLY D . n 
D 1 5 DVA 5 5 5 DVA DVA D . n 
D 1 6 DVA 6 6 6 DVA DVY D . n 
D 1 7 NH2 7 7 6 NH2 DVY D . n 
# 
loop_
_pdbx_nonpoly_scheme.asym_id 
_pdbx_nonpoly_scheme.entity_id 
_pdbx_nonpoly_scheme.mon_id 
_pdbx_nonpoly_scheme.ndb_seq_num 
_pdbx_nonpoly_scheme.pdb_seq_num 
_pdbx_nonpoly_scheme.auth_seq_num 
_pdbx_nonpoly_scheme.pdb_mon_id 
_pdbx_nonpoly_scheme.auth_mon_id 
_pdbx_nonpoly_scheme.pdb_strand_id 
_pdbx_nonpoly_scheme.pdb_ins_code 
E 2 CFH 1 101 8 CFH CFH C . 
F 2 CFH 1 102 8 CFH CFH C . 
G 2 CFH 1 101 8 CFH CFH D . 
H 2 CFH 1 102 8 CFH CFH D . 
# 
loop_
_software.citation_id 
_software.classification 
_software.compiler_name 
_software.compiler_version 
_software.contact_author 
_software.contact_author_email 
_software.date 
_software.description 
_software.dependencies 
_software.hardware 
_software.language 
_software.location 
_software.mods 
_software.name 
_software.os 
_software.os_version 
_software.type 
_software.version 
_software.pdbx_ordinal 
? refinement       ? ? ? ? ? ? ? ? ? ? ? REFMAC ? ? ? 5.8.0419 1 
? 'data scaling'   ? ? ? ? ? ? ? ? ? ? ? XSCALE ? ? ? 20241002 2 
? 'data reduction' ? ? ? ? ? ? ? ? ? ? ? XDS    ? ? ? 20241002 3 
? phasing          ? ? ? ? ? ? ? ? ? ? ? SHELXD ? ? ? 2013/2   4 
# 
_cell.entry_id           9DYY 
_cell.length_a           33.120 
_cell.length_b           44.270 
_cell.length_c           9.340 
_cell.angle_alpha        90.00 
_cell.angle_beta         90.00 
_cell.angle_gamma        90.00 
_cell.Z_PDB              16 
_cell.pdbx_unique_axis   ? 
# 
_symmetry.entry_id                         9DYY 
_symmetry.space_group_name_H-M             'P 21 21 21' 
_symmetry.pdbx_full_space_group_name_H-M   ? 
_symmetry.cell_setting                     ? 
_symmetry.Int_Tables_number                19 
# 
_exptl.absorpt_coefficient_mu     ? 
_exptl.absorpt_correction_T_max   ? 
_exptl.absorpt_correction_T_min   ? 
_exptl.absorpt_correction_type    ? 
_exptl.absorpt_process_details    ? 
_exptl.entry_id                   9DYY 
_exptl.crystals_number            1 
_exptl.details                    ? 
_exptl.method                     'X-RAY DIFFRACTION' 
_exptl.method_details             ? 
# 
_exptl_crystal.colour                       ? 
_exptl_crystal.density_diffrn               ? 
_exptl_crystal.density_Matthews             1.63 
_exptl_crystal.density_method               ? 
_exptl_crystal.density_percent_sol          24.32 
_exptl_crystal.description                  ? 
_exptl_crystal.F_000                        ? 
_exptl_crystal.id                           1 
_exptl_crystal.preparation                  ? 
_exptl_crystal.size_max                     ? 
_exptl_crystal.size_mid                     ? 
_exptl_crystal.size_min                     ? 
_exptl_crystal.size_rad                     ? 
_exptl_crystal.colour_lustre                ? 
_exptl_crystal.colour_modifier              ? 
_exptl_crystal.colour_primary               ? 
_exptl_crystal.density_meas                 ? 
_exptl_crystal.density_meas_esd             ? 
_exptl_crystal.density_meas_gt              ? 
_exptl_crystal.density_meas_lt              ? 
_exptl_crystal.density_meas_temp            ? 
_exptl_crystal.density_meas_temp_esd        ? 
_exptl_crystal.density_meas_temp_gt         ? 
_exptl_crystal.density_meas_temp_lt         ? 
_exptl_crystal.pdbx_crystal_image_url       ? 
_exptl_crystal.pdbx_crystal_image_format    ? 
_exptl_crystal.pdbx_mosaicity               ? 
_exptl_crystal.pdbx_mosaicity_esd           ? 
_exptl_crystal.pdbx_mosaic_method           ? 
_exptl_crystal.pdbx_mosaic_block_size       ? 
_exptl_crystal.pdbx_mosaic_block_size_esd   ? 
# 
_exptl_crystal_grow.apparatus       ? 
_exptl_crystal_grow.atmosphere      ? 
_exptl_crystal_grow.crystal_id      1 
_exptl_crystal_grow.details         ? 
_exptl_crystal_grow.method          'BATCH MODE' 
_exptl_crystal_grow.method_ref      ? 
_exptl_crystal_grow.pH              ? 
_exptl_crystal_grow.pressure        ? 
_exptl_crystal_grow.pressure_esd    ? 
_exptl_crystal_grow.seeding         ? 
_exptl_crystal_grow.seeding_ref     ? 
_exptl_crystal_grow.temp_details    ? 
_exptl_crystal_grow.temp_esd        ? 
_exptl_crystal_grow.time            ? 
_exptl_crystal_grow.pdbx_details    'hexafluoroisopropanol and water' 
_exptl_crystal_grow.pdbx_pH_range   3-4 
_exptl_crystal_grow.temp            298 
# 
_diffrn.ambient_environment              ? 
_diffrn.ambient_temp                     100 
_diffrn.ambient_temp_details             ? 
_diffrn.ambient_temp_esd                 ? 
_diffrn.crystal_id                       1 
_diffrn.crystal_support                  ? 
_diffrn.crystal_treatment                ? 
_diffrn.details                          ? 
_diffrn.id                               1 
_diffrn.ambient_pressure                 ? 
_diffrn.ambient_pressure_esd             ? 
_diffrn.ambient_pressure_gt              ? 
_diffrn.ambient_pressure_lt              ? 
_diffrn.ambient_temp_gt                  ? 
_diffrn.ambient_temp_lt                  ? 
_diffrn.pdbx_serial_crystal_experiment   N 
# 
_diffrn_detector.details                      ? 
_diffrn_detector.detector                     PIXEL 
_diffrn_detector.diffrn_id                    1 
_diffrn_detector.type                         'DECTRIS EIGER X 16M' 
_diffrn_detector.area_resol_mean              ? 
_diffrn_detector.dtime                        ? 
_diffrn_detector.pdbx_frames_total            ? 
_diffrn_detector.pdbx_collection_time_total   ? 
_diffrn_detector.pdbx_collection_date         2023-10-08 
_diffrn_detector.pdbx_frequency               ? 
_diffrn_detector.id                           ? 
_diffrn_detector.number_of_axes               ? 
# 
_diffrn_radiation.collimation                      ? 
_diffrn_radiation.diffrn_id                        1 
_diffrn_radiation.filter_edge                      ? 
_diffrn_radiation.inhomogeneity                    ? 
_diffrn_radiation.monochromator                    ? 
_diffrn_radiation.polarisn_norm                    ? 
_diffrn_radiation.polarisn_ratio                   ? 
_diffrn_radiation.probe                            ? 
_diffrn_radiation.type                             ? 
_diffrn_radiation.xray_symbol                      ? 
_diffrn_radiation.wavelength_id                    1 
_diffrn_radiation.pdbx_monochromatic_or_laue_m_l   M 
_diffrn_radiation.pdbx_wavelength_list             ? 
_diffrn_radiation.pdbx_wavelength                  ? 
_diffrn_radiation.pdbx_diffrn_protocol             'SINGLE WAVELENGTH' 
_diffrn_radiation.pdbx_analyzer                    ? 
_diffrn_radiation.pdbx_scattering_type             x-ray 
# 
_diffrn_radiation_wavelength.id           1 
_diffrn_radiation_wavelength.wavelength   0.979330 
_diffrn_radiation_wavelength.wt           1.0 
# 
_diffrn_source.current                     ? 
_diffrn_source.details                     ? 
_diffrn_source.diffrn_id                   1 
_diffrn_source.power                       ? 
_diffrn_source.size                        ? 
_diffrn_source.source                      SYNCHROTRON 
_diffrn_source.target                      ? 
_diffrn_source.type                        'NSLS-II BEAMLINE 17-ID-2' 
_diffrn_source.voltage                     ? 
_diffrn_source.take-off_angle              ? 
_diffrn_source.pdbx_wavelength_list        0.979330 
_diffrn_source.pdbx_wavelength             ? 
_diffrn_source.pdbx_synchrotron_beamline   17-ID-2 
_diffrn_source.pdbx_synchrotron_site       NSLS-II 
# 
_reflns.B_iso_Wilson_estimate                          ? 
_reflns.entry_id                                       9DYY 
_reflns.data_reduction_details                         ? 
_reflns.data_reduction_method                          ? 
_reflns.d_resolution_high                              1.3 
_reflns.d_resolution_low                               26.52 
_reflns.details                                        ? 
_reflns.limit_h_max                                    ? 
_reflns.limit_h_min                                    ? 
_reflns.limit_k_max                                    ? 
_reflns.limit_k_min                                    ? 
_reflns.limit_l_max                                    ? 
_reflns.limit_l_min                                    ? 
_reflns.number_all                                     ? 
_reflns.number_obs                                     3738 
_reflns.observed_criterion                             ? 
_reflns.observed_criterion_F_max                       ? 
_reflns.observed_criterion_F_min                       ? 
_reflns.observed_criterion_I_max                       ? 
_reflns.observed_criterion_I_min                       ? 
_reflns.observed_criterion_sigma_F                     ? 
_reflns.observed_criterion_sigma_I                     ? 
_reflns.percent_possible_obs                           99.5 
_reflns.R_free_details                                 ? 
_reflns.Rmerge_F_all                                   ? 
_reflns.Rmerge_F_obs                                   ? 
_reflns.Friedel_coverage                               ? 
_reflns.number_gt                                      ? 
_reflns.threshold_expression                           ? 
_reflns.pdbx_redundancy                                5.0 
_reflns.pdbx_netI_over_av_sigmaI                       ? 
_reflns.pdbx_netI_over_sigmaI                          3.68 
_reflns.pdbx_res_netI_over_av_sigmaI_2                 ? 
_reflns.pdbx_res_netI_over_sigmaI_2                    ? 
_reflns.pdbx_chi_squared                               ? 
_reflns.pdbx_scaling_rejects                           ? 
_reflns.pdbx_d_res_high_opt                            ? 
_reflns.pdbx_d_res_low_opt                             ? 
_reflns.pdbx_d_res_opt_method                          ? 
_reflns.phase_calculation_details                      ? 
_reflns.pdbx_Rrim_I_all                                0.271 
_reflns.pdbx_Rpim_I_all                                ? 
_reflns.pdbx_d_opt                                     ? 
_reflns.pdbx_number_measured_all                       ? 
_reflns.pdbx_diffrn_id                                 1 
_reflns.pdbx_ordinal                                   1 
_reflns.pdbx_CC_half                                   0.995 
_reflns.pdbx_CC_star                                   ? 
_reflns.pdbx_R_split                                   ? 
_reflns.pdbx_Rmerge_I_obs                              0.241 
_reflns.pdbx_Rmerge_I_all                              ? 
_reflns.pdbx_Rsym_value                                ? 
_reflns.pdbx_CC_split_method                           ? 
_reflns.pdbx_aniso_diffraction_limit_axis_1_ortho[1]   ? 
_reflns.pdbx_aniso_diffraction_limit_axis_1_ortho[2]   ? 
_reflns.pdbx_aniso_diffraction_limit_axis_1_ortho[3]   ? 
_reflns.pdbx_aniso_diffraction_limit_axis_2_ortho[1]   ? 
_reflns.pdbx_aniso_diffraction_limit_axis_2_ortho[2]   ? 
_reflns.pdbx_aniso_diffraction_limit_axis_2_ortho[3]   ? 
_reflns.pdbx_aniso_diffraction_limit_axis_3_ortho[1]   ? 
_reflns.pdbx_aniso_diffraction_limit_axis_3_ortho[2]   ? 
_reflns.pdbx_aniso_diffraction_limit_axis_3_ortho[3]   ? 
_reflns.pdbx_aniso_diffraction_limit_1                 ? 
_reflns.pdbx_aniso_diffraction_limit_2                 ? 
_reflns.pdbx_aniso_diffraction_limit_3                 ? 
_reflns.pdbx_aniso_B_tensor_eigenvector_1_ortho[1]     ? 
_reflns.pdbx_aniso_B_tensor_eigenvector_1_ortho[2]     ? 
_reflns.pdbx_aniso_B_tensor_eigenvector_1_ortho[3]     ? 
_reflns.pdbx_aniso_B_tensor_eigenvector_2_ortho[1]     ? 
_reflns.pdbx_aniso_B_tensor_eigenvector_2_ortho[2]     ? 
_reflns.pdbx_aniso_B_tensor_eigenvector_2_ortho[3]     ? 
_reflns.pdbx_aniso_B_tensor_eigenvector_3_ortho[1]     ? 
_reflns.pdbx_aniso_B_tensor_eigenvector_3_ortho[2]     ? 
_reflns.pdbx_aniso_B_tensor_eigenvector_3_ortho[3]     ? 
_reflns.pdbx_aniso_B_tensor_eigenvalue_1               ? 
_reflns.pdbx_aniso_B_tensor_eigenvalue_2               ? 
_reflns.pdbx_aniso_B_tensor_eigenvalue_3               ? 
_reflns.pdbx_orthogonalization_convention              ? 
_reflns.pdbx_percent_possible_ellipsoidal              ? 
_reflns.pdbx_percent_possible_spherical                ? 
_reflns.pdbx_percent_possible_ellipsoidal_anomalous    ? 
_reflns.pdbx_percent_possible_spherical_anomalous      ? 
_reflns.pdbx_redundancy_anomalous                      ? 
_reflns.pdbx_CC_half_anomalous                         ? 
_reflns.pdbx_absDiff_over_sigma_anomalous              ? 
_reflns.pdbx_percent_possible_anomalous                ? 
_reflns.pdbx_observed_signal_threshold                 ? 
_reflns.pdbx_signal_type                               ? 
_reflns.pdbx_signal_details                            ? 
_reflns.pdbx_signal_software_id                        ? 
# 
loop_
_reflns_shell.d_res_high 
_reflns_shell.d_res_low 
_reflns_shell.meanI_over_sigI_all 
_reflns_shell.meanI_over_sigI_obs 
_reflns_shell.number_measured_all 
_reflns_shell.number_measured_obs 
_reflns_shell.number_possible 
_reflns_shell.number_unique_all 
_reflns_shell.number_unique_obs 
_reflns_shell.percent_possible_obs 
_reflns_shell.Rmerge_F_all 
_reflns_shell.Rmerge_F_obs 
_reflns_shell.meanI_over_sigI_gt 
_reflns_shell.meanI_over_uI_all 
_reflns_shell.meanI_over_uI_gt 
_reflns_shell.number_measured_gt 
_reflns_shell.number_unique_gt 
_reflns_shell.percent_possible_gt 
_reflns_shell.Rmerge_F_gt 
_reflns_shell.Rmerge_I_gt 
_reflns_shell.pdbx_redundancy 
_reflns_shell.pdbx_chi_squared 
_reflns_shell.pdbx_netI_over_sigmaI_all 
_reflns_shell.pdbx_netI_over_sigmaI_obs 
_reflns_shell.pdbx_Rrim_I_all 
_reflns_shell.pdbx_Rpim_I_all 
_reflns_shell.pdbx_rejects 
_reflns_shell.pdbx_ordinal 
_reflns_shell.pdbx_diffrn_id 
_reflns_shell.pdbx_CC_half 
_reflns_shell.pdbx_CC_star 
_reflns_shell.pdbx_R_split 
_reflns_shell.percent_possible_all 
_reflns_shell.Rmerge_I_all 
_reflns_shell.Rmerge_I_obs 
_reflns_shell.pdbx_Rsym_value 
_reflns_shell.pdbx_percent_possible_ellipsoidal 
_reflns_shell.pdbx_percent_possible_spherical 
_reflns_shell.pdbx_percent_possible_ellipsoidal_anomalous 
_reflns_shell.pdbx_percent_possible_spherical_anomalous 
_reflns_shell.pdbx_redundancy_anomalous 
_reflns_shell.pdbx_CC_half_anomalous 
_reflns_shell.pdbx_absDiff_over_sigma_anomalous 
_reflns_shell.pdbx_percent_possible_anomalous 
1.30 1.37  ? ? ? ? ? ? 531 ? ? ? ? ? ? ? ? ? ? ? ? ? ? ? 2.221 ? ? 1  1 0.343 ? ? ? ? 1.986 ? ? ? ? ? ? ? ? ? 
1.37 1.45  ? ? ? ? ? ? 471 ? ? ? ? ? ? ? ? ? ? ? ? ? ? ? 1.371 ? ? 2  1 0.638 ? ? ? ? 1.23  ? ? ? ? ? ? ? ? ? 
1.45 1.55  ? ? ? ? ? ? 499 ? ? ? ? ? ? ? ? ? ? ? ? ? ? ? 1.125 ? ? 3  1 0.728 ? ? ? ? 1.012 ? ? ? ? ? ? ? ? ? 
1.55 1.68  ? ? ? ? ? ? 441 ? ? ? ? ? ? ? ? ? ? ? ? ? ? ? 0.785 ? ? 4  1 0.902 ? ? ? ? 0.702 ? ? ? ? ? ? ? ? ? 
1.68 1.84  ? ? ? ? ? ? 422 ? ? ? ? ? ? ? ? ? ? ? ? ? ? ? 0.653 ? ? 5  1 0.908 ? ? ? ? 0.584 ? ? ? ? ? ? ? ? ? 
1.84 2.06  ? ? ? ? ? ? 369 ? ? ? ? ? ? ? ? ? ? ? ? ? ? ? 0.295 ? ? 6  1 0.984 ? ? ? ? 0.264 ? ? ? ? ? ? ? ? ? 
2.06 2.37  ? ? ? ? ? ? 338 ? ? ? ? ? ? ? ? ? ? ? ? ? ? ? 0.21  ? ? 7  1 0.98  ? ? ? ? 0.188 ? ? ? ? ? ? ? ? ? 
2.37 2.91  ? ? ? ? ? ? 289 ? ? ? ? ? ? ? ? ? ? ? ? ? ? ? 0.197 ? ? 8  1 0.994 ? ? ? ? 0.173 ? ? ? ? ? ? ? ? ? 
2.91 4.11  ? ? ? ? ? ? 228 ? ? ? ? ? ? ? ? ? ? ? ? ? ? ? 0.153 ? ? 9  1 0.988 ? ? ? ? 0.133 ? ? ? ? ? ? ? ? ? 
4.11 26.52 ? ? ? ? ? ? 150 ? ? ? ? ? ? ? ? ? ? ? ? ? ? ? 0.091 ? ? 10 1 0.998 ? ? ? ? 0.077 ? ? ? ? ? ? ? ? ? 
# 
_refine.pdbx_refine_id                           'X-RAY DIFFRACTION' 
_refine.entry_id                                 9DYY 
_refine.pdbx_diffrn_id                           1 
_refine.pdbx_TLS_residual_ADP_flag               ? 
_refine.ls_number_reflns_obs                     3738 
_refine.ls_number_reflns_all                     ? 
_refine.pdbx_ls_sigma_I                          ? 
_refine.pdbx_ls_sigma_F                          ? 
_refine.pdbx_data_cutoff_high_absF               ? 
_refine.pdbx_data_cutoff_low_absF                ? 
_refine.pdbx_data_cutoff_high_rms_absF           ? 
_refine.ls_d_res_low                             26.52 
_refine.ls_d_res_high                            1.30 
_refine.ls_percent_reflns_obs                    99.5 
_refine.ls_R_factor_obs                          ? 
_refine.ls_R_factor_all                          ? 
_refine.ls_R_factor_R_work                       0.181 
_refine.ls_R_factor_R_free                       0.188 
_refine.ls_R_factor_R_free_error                 ? 
_refine.ls_R_factor_R_free_error_details         ? 
_refine.ls_percent_reflns_R_free                 9.997 
_refine.ls_number_reflns_R_free                  374 
_refine.ls_number_parameters                     ? 
_refine.ls_number_restraints                     ? 
_refine.occupancy_min                            ? 
_refine.occupancy_max                            ? 
_refine.correlation_coeff_Fo_to_Fc               0.979 
_refine.correlation_coeff_Fo_to_Fc_free          0.986 
_refine.B_iso_mean                               12.62 
_refine.aniso_B[1][1]                            -1.39300 
_refine.aniso_B[2][2]                            0.08900 
_refine.aniso_B[3][3]                            1.30500 
_refine.aniso_B[1][2]                            0.00000 
_refine.aniso_B[1][3]                            0.00000 
_refine.aniso_B[2][3]                            0.00000 
_refine.solvent_model_details                    'MASK BULK SOLVENT' 
_refine.solvent_model_param_ksol                 ? 
_refine.solvent_model_param_bsol                 ? 
_refine.pdbx_solvent_vdw_probe_radii             1.20 
_refine.pdbx_solvent_ion_probe_radii             0.80 
_refine.pdbx_solvent_shrinkage_radii             0.80 
_refine.pdbx_ls_cross_valid_method               'FREE R-VALUE' 
_refine.details                                  
;HYDROGENS HAVE BEEN USED IF PRESENT IN
 THE INPUT FILE
;
_refine.pdbx_starting_model                      ? 
_refine.pdbx_method_to_determine_struct          'AB INITIO PHASING' 
_refine.pdbx_isotropic_thermal_model             ? 
_refine.pdbx_stereochemistry_target_values       ? 
_refine.pdbx_stereochem_target_val_spec_case     ? 
_refine.pdbx_R_Free_selection_details            ? 
_refine.pdbx_overall_ESU_R                       0.082 
_refine.pdbx_overall_ESU_R_Free                  0.060 
_refine.overall_SU_ML                            0.068 
_refine.pdbx_overall_phase_error                 ? 
_refine.overall_SU_B                             4.125 
_refine.overall_SU_R_Cruickshank_DPI             ? 
_refine.pdbx_overall_SU_R_free_Cruickshank_DPI   ? 
_refine.pdbx_overall_SU_R_Blow_DPI               ? 
_refine.pdbx_overall_SU_R_free_Blow_DPI          ? 
# 
_refine_hist.pdbx_refine_id                   'X-RAY DIFFRACTION' 
_refine_hist.cycle_id                         LAST 
_refine_hist.pdbx_number_atoms_protein        148 
_refine_hist.pdbx_number_atoms_nucleic_acid   0 
_refine_hist.pdbx_number_atoms_ligand         40 
_refine_hist.number_atoms_solvent             0 
_refine_hist.number_atoms_total               188 
_refine_hist.d_res_high                       1.30 
_refine_hist.d_res_low                        26.52 
# 
loop_
_refine_ls_restr.type 
_refine_ls_restr.dev_ideal 
_refine_ls_restr.dev_ideal_target 
_refine_ls_restr.weight 
_refine_ls_restr.number 
_refine_ls_restr.pdbx_refine_id 
_refine_ls_restr.pdbx_restraint_function 
r_bond_refined_d             0.019  0.013  ? 180 'X-RAY DIFFRACTION' ? 
r_bond_other_d               0.004  0.016  ? 188 'X-RAY DIFFRACTION' ? 
r_angle_refined_deg          1.845  1.605  ? 244 'X-RAY DIFFRACTION' ? 
r_angle_other_deg            1.350  1.628  ? 412 'X-RAY DIFFRACTION' ? 
r_dihedral_angle_1_deg       5.311  5.000  ? 16  'X-RAY DIFFRACTION' ? 
r_dihedral_angle_2_deg       ?      ?      ? ?   'X-RAY DIFFRACTION' ? 
r_dihedral_angle_3_deg       4.085  10.000 ? 12  'X-RAY DIFFRACTION' ? 
r_dihedral_angle_4_deg       ?      ?      ? ?   'X-RAY DIFFRACTION' ? 
r_chiral_restr               1.837  0.200  ? 44  'X-RAY DIFFRACTION' ? 
r_gen_planes_refined         0.006  0.020  ? 136 'X-RAY DIFFRACTION' ? 
r_gen_planes_other           0.001  0.020  ? 32  'X-RAY DIFFRACTION' ? 
r_nbd_refined                0.126  0.200  ? 27  'X-RAY DIFFRACTION' ? 
r_nbd_other                  0.160  0.200  ? 49  'X-RAY DIFFRACTION' ? 
r_nbtor_refined              0.147  0.200  ? 98  'X-RAY DIFFRACTION' ? 
r_nbtor_other                ?      ?      ? ?   'X-RAY DIFFRACTION' ? 
r_xyhbond_nbd_refined        0.133  0.200  ? 8   'X-RAY DIFFRACTION' ? 
r_xyhbond_nbd_other          ?      ?      ? ?   'X-RAY DIFFRACTION' ? 
r_metal_ion_refined          ?      ?      ? ?   'X-RAY DIFFRACTION' ? 
r_metal_ion_other            ?      ?      ? ?   'X-RAY DIFFRACTION' ? 
r_symmetry_vdw_refined       ?      ?      ? ?   'X-RAY DIFFRACTION' ? 
r_symmetry_vdw_other         ?      ?      ? ?   'X-RAY DIFFRACTION' ? 
r_symmetry_hbond_refined     ?      ?      ? ?   'X-RAY DIFFRACTION' ? 
r_symmetry_hbond_other       ?      ?      ? ?   'X-RAY DIFFRACTION' ? 
r_symmetry_metal_ion_refined ?      ?      ? ?   'X-RAY DIFFRACTION' ? 
r_symmetry_metal_ion_other   ?      ?      ? ?   'X-RAY DIFFRACTION' ? 
r_mcbond_it                  3.251  0.929  ? 92  'X-RAY DIFFRACTION' ? 
r_mcbond_other               3.236  0.930  ? 93  'X-RAY DIFFRACTION' ? 
r_mcangle_it                 4.232  1.642  ? 96  'X-RAY DIFFRACTION' ? 
r_mcangle_other              4.225  1.642  ? 97  'X-RAY DIFFRACTION' ? 
r_scbond_it                  11.333 1.648  ? 88  'X-RAY DIFFRACTION' ? 
r_scbond_other               11.062 1.629  ? 86  'X-RAY DIFFRACTION' ? 
r_scangle_it                 16.371 2.910  ? 148 'X-RAY DIFFRACTION' ? 
r_scangle_other              16.159 2.892  ? 146 'X-RAY DIFFRACTION' ? 
r_long_range_B_refined       ?      ?      ? ?   'X-RAY DIFFRACTION' ? 
r_long_range_B_other         ?      ?      ? ?   'X-RAY DIFFRACTION' ? 
r_rigid_bond_restr           4.750  3.000  ? 368 'X-RAY DIFFRACTION' ? 
r_sphericity_free            ?      ?      ? ?   'X-RAY DIFFRACTION' ? 
r_sphericity_bonded          ?      ?      ? ?   'X-RAY DIFFRACTION' ? 
# 
_refine_ls_shell.pdbx_refine_id                   'X-RAY DIFFRACTION' 
_refine_ls_shell.pdbx_total_number_of_bins_used   5 
_refine_ls_shell.d_res_high                       1.30 
_refine_ls_shell.d_res_low                        1.45 
_refine_ls_shell.number_reflns_R_work             922 
_refine_ls_shell.R_factor_R_work                  0.3160 
_refine_ls_shell.percent_reflns_obs               99.90 
_refine_ls_shell.R_factor_R_free                  0.3420 
_refine_ls_shell.R_factor_R_free_error            ? 
_refine_ls_shell.percent_reflns_R_free            ? 
_refine_ls_shell.number_reflns_R_free             102 
_refine_ls_shell.number_reflns_all                ? 
_refine_ls_shell.R_factor_all                     ? 
_refine_ls_shell.R_factor_obs                     ? 
_refine_ls_shell.number_reflns_obs                ? 
# 
_struct.entry_id                     9DYY 
_struct.title                        'peptide of mixed chirality, VVGG(DVA)(DVA), assembles into a rippled beta sheet' 
_struct.pdbx_model_details           ? 
_struct.pdbx_formula_weight          ? 
_struct.pdbx_formula_weight_method   ? 
_struct.pdbx_model_type_details      ? 
_struct.pdbx_CASP_flag               N 
# 
_struct_keywords.entry_id        9DYY 
_struct_keywords.text            'rippled beta sheet, racemic mixture, PROTEIN FIBRIL' 
_struct_keywords.pdbx_keywords   'PROTEIN FIBRIL' 
# 
loop_
_struct_asym.id 
_struct_asym.pdbx_blank_PDB_chainid_flag 
_struct_asym.pdbx_modified 
_struct_asym.entity_id 
_struct_asym.details 
A N N 1 ? 
B N N 1 ? 
C N N 1 ? 
D N N 1 ? 
E N N 2 ? 
F N N 2 ? 
G N N 2 ? 
H N N 2 ? 
# 
_struct_ref.id                         1 
_struct_ref.db_name                    PDB 
_struct_ref.db_code                    9DYY 
_struct_ref.pdbx_db_accession          9DYY 
_struct_ref.pdbx_db_isoform            ? 
_struct_ref.entity_id                  1 
_struct_ref.pdbx_seq_one_letter_code   ? 
_struct_ref.pdbx_align_begin           1 
# 
loop_
_struct_ref_seq.align_id 
_struct_ref_seq.ref_id 
_struct_ref_seq.pdbx_PDB_id_code 
_struct_ref_seq.pdbx_strand_id 
_struct_ref_seq.seq_align_beg 
_struct_ref_seq.pdbx_seq_align_beg_ins_code 
_struct_ref_seq.seq_align_end 
_struct_ref_seq.pdbx_seq_align_end_ins_code 
_struct_ref_seq.pdbx_db_accession 
_struct_ref_seq.db_align_beg 
_struct_ref_seq.pdbx_db_align_beg_ins_code 
_struct_ref_seq.db_align_end 
_struct_ref_seq.pdbx_db_align_end_ins_code 
_struct_ref_seq.pdbx_auth_seq_align_beg 
_struct_ref_seq.pdbx_auth_seq_align_end 
1 1 9DYY A 1 ? 7 ? 9DYY 1 ? 7 ? 1 7 
2 1 9DYY B 1 ? 7 ? 9DYY 1 ? 7 ? 1 7 
3 1 9DYY C 1 ? 7 ? 9DYY 1 ? 7 ? 1 7 
4 1 9DYY D 1 ? 7 ? 9DYY 1 ? 7 ? 1 7 
# 
_pdbx_struct_assembly.id                   1 
_pdbx_struct_assembly.details              author_defined_assembly 
_pdbx_struct_assembly.method_details       ? 
_pdbx_struct_assembly.oligomeric_details   hexadecameric 
_pdbx_struct_assembly.oligomeric_count     16 
# 
loop_
_pdbx_struct_assembly_gen.assembly_id 
_pdbx_struct_assembly_gen.oper_expression 
_pdbx_struct_assembly_gen.asym_id_list 
1 1 A,B,C,D,E,F,G,H 
1 2 A,B,C,D,E,F,G,H 
1 3 A,B,C,D,E,F,G,H 
1 4 A,B,C,D,E,F,G,H 
# 
_pdbx_struct_assembly_auth_evidence.id                     1 
_pdbx_struct_assembly_auth_evidence.assembly_id            1 
_pdbx_struct_assembly_auth_evidence.experimental_support   none 
_pdbx_struct_assembly_auth_evidence.details                ? 
# 
loop_
_pdbx_struct_oper_list.id 
_pdbx_struct_oper_list.type 
_pdbx_struct_oper_list.name 
_pdbx_struct_oper_list.symmetry_operation 
_pdbx_struct_oper_list.matrix[1][1] 
_pdbx_struct_oper_list.matrix[1][2] 
_pdbx_struct_oper_list.matrix[1][3] 
_pdbx_struct_oper_list.vector[1] 
_pdbx_struct_oper_list.matrix[2][1] 
_pdbx_struct_oper_list.matrix[2][2] 
_pdbx_struct_oper_list.matrix[2][3] 
_pdbx_struct_oper_list.vector[2] 
_pdbx_struct_oper_list.matrix[3][1] 
_pdbx_struct_oper_list.matrix[3][2] 
_pdbx_struct_oper_list.matrix[3][3] 
_pdbx_struct_oper_list.vector[3] 
1 'identity operation'         1_555 x,y,z   1.0000000000 0.0000000000 0.0000000000 0.0000000000   0.0000000000 1.0000000000 0.0000000000 0.0000000000   0.0000000000 0.0000000000 1.0000000000 0.0000000000   
2 'crystal symmetry operation' 1_545 x,y-1,z 1.0000000000 0.0000000000 0.0000000000 -6.6721137876  0.0000000000 1.0000000000 0.0000000000 -23.4644736964 0.0000000000 0.0000000000 1.0000000000 -36.9423100490 
3 'crystal symmetry operation' 1_565 x,y+1,z 1.0000000000 0.0000000000 0.0000000000 6.6721137876   0.0000000000 1.0000000000 0.0000000000 23.4644736964  0.0000000000 0.0000000000 1.0000000000 36.9423100490  
4 'crystal symmetry operation' 1_535 x,y-2,z 1.0000000000 0.0000000000 0.0000000000 -13.3442275753 0.0000000000 1.0000000000 0.0000000000 -46.9289473927 0.0000000000 0.0000000000 1.0000000000 -73.8846200980 
# 
loop_
_struct_conn.id 
_struct_conn.conn_type_id 
_struct_conn.pdbx_leaving_atom_flag 
_struct_conn.pdbx_PDB_id 
_struct_conn.ptnr1_label_asym_id 
_struct_conn.ptnr1_label_comp_id 
_struct_conn.ptnr1_label_seq_id 
_struct_conn.ptnr1_label_atom_id 
_struct_conn.pdbx_ptnr1_label_alt_id 
_struct_conn.pdbx_ptnr1_PDB_ins_code 
_struct_conn.pdbx_ptnr1_standard_comp_id 
_struct_conn.ptnr1_symmetry 
_struct_conn.ptnr2_label_asym_id 
_struct_conn.ptnr2_label_comp_id 
_struct_conn.ptnr2_label_seq_id 
_struct_conn.ptnr2_label_atom_id 
_struct_conn.pdbx_ptnr2_label_alt_id 
_struct_conn.pdbx_ptnr2_PDB_ins_code 
_struct_conn.ptnr1_auth_asym_id 
_struct_conn.ptnr1_auth_comp_id 
_struct_conn.ptnr1_auth_seq_id 
_struct_conn.ptnr2_auth_asym_id 
_struct_conn.ptnr2_auth_comp_id 
_struct_conn.ptnr2_auth_seq_id 
_struct_conn.ptnr2_symmetry 
_struct_conn.pdbx_ptnr3_label_atom_id 
_struct_conn.pdbx_ptnr3_label_seq_id 
_struct_conn.pdbx_ptnr3_label_comp_id 
_struct_conn.pdbx_ptnr3_label_asym_id 
_struct_conn.pdbx_ptnr3_label_alt_id 
_struct_conn.pdbx_ptnr3_PDB_ins_code 
_struct_conn.details 
_struct_conn.pdbx_dist_value 
_struct_conn.pdbx_value_order 
_struct_conn.pdbx_role 
covale1  covale both ? A GLY 4 C ? ? ? 1_555 A DVA 5 N ? ? A GLY 4 A DVA 5 1_555 ? ? ? ? ? ? ? 1.332 ? ? 
covale2  covale both ? A DVA 5 C ? ? ? 1_555 A DVA 6 N ? ? A DVA 5 A DVA 6 1_555 ? ? ? ? ? ? ? 1.300 ? ? 
covale3  covale both ? A DVA 6 C ? ? ? 1_555 A NH2 7 N ? ? A DVA 6 A NH2 7 1_555 ? ? ? ? ? ? ? 1.338 ? ? 
covale4  covale both ? B GLY 4 C ? ? ? 1_555 B DVA 5 N ? ? B GLY 4 B DVA 5 1_555 ? ? ? ? ? ? ? 1.334 ? ? 
covale5  covale both ? B DVA 5 C ? ? ? 1_555 B DVA 6 N ? ? B DVA 5 B DVA 6 1_555 ? ? ? ? ? ? ? 1.325 ? ? 
covale6  covale both ? B DVA 6 C ? ? ? 1_555 B NH2 7 N ? ? B DVA 6 B NH2 7 1_555 ? ? ? ? ? ? ? 1.340 ? ? 
covale7  covale both ? C GLY 4 C ? ? ? 1_555 C DVA 5 N ? ? C GLY 4 C DVA 5 1_555 ? ? ? ? ? ? ? 1.330 ? ? 
covale8  covale both ? C DVA 5 C ? ? ? 1_555 C DVA 6 N ? ? C DVA 5 C DVA 6 1_555 ? ? ? ? ? ? ? 1.327 ? ? 
covale9  covale both ? C DVA 6 C ? ? ? 1_555 C NH2 7 N ? ? C DVA 6 C NH2 7 1_555 ? ? ? ? ? ? ? 1.335 ? ? 
covale10 covale both ? D GLY 4 C ? ? ? 1_555 D DVA 5 N ? ? D GLY 4 D DVA 5 1_555 ? ? ? ? ? ? ? 1.329 ? ? 
covale11 covale both ? D DVA 5 C ? ? ? 1_555 D DVA 6 N ? ? D DVA 5 D DVA 6 1_555 ? ? ? ? ? ? ? 1.304 ? ? 
covale12 covale both ? D DVA 6 C ? ? ? 1_555 D NH2 7 N ? ? D DVA 6 D NH2 7 1_555 ? ? ? ? ? ? ? 1.334 ? ? 
# 
_struct_conn_type.id          covale 
_struct_conn_type.criteria    ? 
_struct_conn_type.reference   ? 
# 
loop_
_pdbx_modification_feature.ordinal 
_pdbx_modification_feature.label_comp_id 
_pdbx_modification_feature.label_asym_id 
_pdbx_modification_feature.label_seq_id 
_pdbx_modification_feature.label_alt_id 
_pdbx_modification_feature.modified_residue_label_comp_id 
_pdbx_modification_feature.modified_residue_label_asym_id 
_pdbx_modification_feature.modified_residue_label_seq_id 
_pdbx_modification_feature.modified_residue_label_alt_id 
_pdbx_modification_feature.auth_comp_id 
_pdbx_modification_feature.auth_asym_id 
_pdbx_modification_feature.auth_seq_id 
_pdbx_modification_feature.PDB_ins_code 
_pdbx_modification_feature.symmetry 
_pdbx_modification_feature.modified_residue_auth_comp_id 
_pdbx_modification_feature.modified_residue_auth_asym_id 
_pdbx_modification_feature.modified_residue_auth_seq_id 
_pdbx_modification_feature.modified_residue_PDB_ins_code 
_pdbx_modification_feature.modified_residue_symmetry 
_pdbx_modification_feature.comp_id_linking_atom 
_pdbx_modification_feature.modified_residue_id_linking_atom 
_pdbx_modification_feature.modified_residue_id 
_pdbx_modification_feature.ref_pcm_id 
_pdbx_modification_feature.ref_comp_id 
_pdbx_modification_feature.type 
_pdbx_modification_feature.category 
1 NH2 A 7 ? DVA A 6 ? NH2 A 7 ? 1_555 DVA A 6 ? 1_555 . . DVA 25 NH2 None 'Terminal amidation' 
2 NH2 B 7 ? DVA B 6 ? NH2 B 7 ? 1_555 DVA B 6 ? 1_555 . . DVA 25 NH2 None 'Terminal amidation' 
3 NH2 C 7 ? DVA C 6 ? NH2 C 7 ? 1_555 DVA C 6 ? 1_555 . . DVA 25 NH2 None 'Terminal amidation' 
4 NH2 D 7 ? DVA D 6 ? NH2 D 7 ? 1_555 DVA D 6 ? 1_555 . . DVA 25 NH2 None 'Terminal amidation' 
# 
_struct_sheet.id               AA1 
_struct_sheet.type             ? 
_struct_sheet.number_strands   2 
_struct_sheet.details          ? 
# 
_struct_sheet_order.sheet_id     AA1 
_struct_sheet_order.range_id_1   1 
_struct_sheet_order.range_id_2   2 
_struct_sheet_order.offset       ? 
_struct_sheet_order.sense        anti-parallel 
# 
loop_
_struct_sheet_range.sheet_id 
_struct_sheet_range.id 
_struct_sheet_range.beg_label_comp_id 
_struct_sheet_range.beg_label_asym_id 
_struct_sheet_range.beg_label_seq_id 
_struct_sheet_range.pdbx_beg_PDB_ins_code 
_struct_sheet_range.end_label_comp_id 
_struct_sheet_range.end_label_asym_id 
_struct_sheet_range.end_label_seq_id 
_struct_sheet_range.pdbx_end_PDB_ins_code 
_struct_sheet_range.beg_auth_comp_id 
_struct_sheet_range.beg_auth_asym_id 
_struct_sheet_range.beg_auth_seq_id 
_struct_sheet_range.end_auth_comp_id 
_struct_sheet_range.end_auth_asym_id 
_struct_sheet_range.end_auth_seq_id 
AA1 1 VAL A 2 ? DVA A 5 ? VAL A 2 DVA A 5 
AA1 2 VAL B 2 ? DVA B 5 ? VAL B 2 DVA B 5 
# 
_pdbx_struct_sheet_hbond.sheet_id                AA1 
_pdbx_struct_sheet_hbond.range_id_1              1 
_pdbx_struct_sheet_hbond.range_id_2              2 
_pdbx_struct_sheet_hbond.range_1_label_atom_id   N 
_pdbx_struct_sheet_hbond.range_1_label_comp_id   GLY 
_pdbx_struct_sheet_hbond.range_1_label_asym_id   A 
_pdbx_struct_sheet_hbond.range_1_label_seq_id    4 
_pdbx_struct_sheet_hbond.range_1_PDB_ins_code    ? 
_pdbx_struct_sheet_hbond.range_1_auth_atom_id    N 
_pdbx_struct_sheet_hbond.range_1_auth_comp_id    GLY 
_pdbx_struct_sheet_hbond.range_1_auth_asym_id    A 
_pdbx_struct_sheet_hbond.range_1_auth_seq_id     4 
_pdbx_struct_sheet_hbond.range_2_label_atom_id   O 
_pdbx_struct_sheet_hbond.range_2_label_comp_id   GLY 
_pdbx_struct_sheet_hbond.range_2_label_asym_id   B 
_pdbx_struct_sheet_hbond.range_2_label_seq_id    3 
_pdbx_struct_sheet_hbond.range_2_PDB_ins_code    ? 
_pdbx_struct_sheet_hbond.range_2_auth_atom_id    O 
_pdbx_struct_sheet_hbond.range_2_auth_comp_id    GLY 
_pdbx_struct_sheet_hbond.range_2_auth_asym_id    B 
_pdbx_struct_sheet_hbond.range_2_auth_seq_id     3 
# 
_pdbx_entry_details.entry_id                   9DYY 
_pdbx_entry_details.nonpolymer_details         ? 
_pdbx_entry_details.sequence_details           ? 
_pdbx_entry_details.compound_details           ? 
_pdbx_entry_details.source_details             ? 
_pdbx_entry_details.has_ligand_of_interest     N 
_pdbx_entry_details.has_protein_modification   Y 
# 
loop_
_chem_comp_atom.comp_id 
_chem_comp_atom.atom_id 
_chem_comp_atom.type_symbol 
_chem_comp_atom.pdbx_aromatic_flag 
_chem_comp_atom.pdbx_stereo_config 
_chem_comp_atom.pdbx_ordinal 
CFH F7   F N N 1  
CFH C1   C N N 2  
CFH F5   F N N 3  
CFH F6   F N N 4  
CFH C2   C N N 5  
CFH O4   O N N 6  
CFH C3   C N N 7  
CFH F10  F N N 8  
CFH F8   F N N 9  
CFH F9   F N N 10 
CFH H2   H N N 11 
CFH HO4  H N N 12 
DVA N    N N N 13 
DVA CA   C N R 14 
DVA CB   C N N 15 
DVA CG1  C N N 16 
DVA CG2  C N N 17 
DVA C    C N N 18 
DVA O    O N N 19 
DVA OXT  O N N 20 
DVA H    H N N 21 
DVA H2   H N N 22 
DVA HA   H N N 23 
DVA HB   H N N 24 
DVA HG11 H N N 25 
DVA HG12 H N N 26 
DVA HG13 H N N 27 
DVA HG21 H N N 28 
DVA HG22 H N N 29 
DVA HG23 H N N 30 
DVA HXT  H N N 31 
GLY N    N N N 32 
GLY CA   C N N 33 
GLY C    C N N 34 
GLY O    O N N 35 
GLY OXT  O N N 36 
GLY H    H N N 37 
GLY H2   H N N 38 
GLY HA2  H N N 39 
GLY HA3  H N N 40 
GLY HXT  H N N 41 
NH2 N    N N N 42 
NH2 HN1  H N N 43 
NH2 HN2  H N N 44 
VAL N    N N N 45 
VAL CA   C N S 46 
VAL C    C N N 47 
VAL O    O N N 48 
VAL CB   C N N 49 
VAL CG1  C N N 50 
VAL CG2  C N N 51 
VAL OXT  O N N 52 
VAL H    H N N 53 
VAL H2   H N N 54 
VAL HA   H N N 55 
VAL HB   H N N 56 
VAL HG11 H N N 57 
VAL HG12 H N N 58 
VAL HG13 H N N 59 
VAL HG21 H N N 60 
VAL HG22 H N N 61 
VAL HG23 H N N 62 
VAL HXT  H N N 63 
# 
loop_
_chem_comp_bond.comp_id 
_chem_comp_bond.atom_id_1 
_chem_comp_bond.atom_id_2 
_chem_comp_bond.value_order 
_chem_comp_bond.pdbx_aromatic_flag 
_chem_comp_bond.pdbx_stereo_config 
_chem_comp_bond.pdbx_ordinal 
CFH F7  C1   sing N N 1  
CFH C1  F5   sing N N 2  
CFH C1  F6   sing N N 3  
CFH C1  C2   sing N N 4  
CFH C2  O4   sing N N 5  
CFH C2  C3   sing N N 6  
CFH C3  F10  sing N N 7  
CFH C3  F8   sing N N 8  
CFH C3  F9   sing N N 9  
CFH C2  H2   sing N N 10 
CFH O4  HO4  sing N N 11 
DVA N   CA   sing N N 12 
DVA N   H    sing N N 13 
DVA N   H2   sing N N 14 
DVA CA  CB   sing N N 15 
DVA CA  C    sing N N 16 
DVA CA  HA   sing N N 17 
DVA CB  CG1  sing N N 18 
DVA CB  CG2  sing N N 19 
DVA CB  HB   sing N N 20 
DVA CG1 HG11 sing N N 21 
DVA CG1 HG12 sing N N 22 
DVA CG1 HG13 sing N N 23 
DVA CG2 HG21 sing N N 24 
DVA CG2 HG22 sing N N 25 
DVA CG2 HG23 sing N N 26 
DVA C   O    doub N N 27 
DVA C   OXT  sing N N 28 
DVA OXT HXT  sing N N 29 
GLY N   CA   sing N N 30 
GLY N   H    sing N N 31 
GLY N   H2   sing N N 32 
GLY CA  C    sing N N 33 
GLY CA  HA2  sing N N 34 
GLY CA  HA3  sing N N 35 
GLY C   O    doub N N 36 
GLY C   OXT  sing N N 37 
GLY OXT HXT  sing N N 38 
NH2 N   HN1  sing N N 39 
NH2 N   HN2  sing N N 40 
VAL N   CA   sing N N 41 
VAL N   H    sing N N 42 
VAL N   H2   sing N N 43 
VAL CA  C    sing N N 44 
VAL CA  CB   sing N N 45 
VAL CA  HA   sing N N 46 
VAL C   O    doub N N 47 
VAL C   OXT  sing N N 48 
VAL CB  CG1  sing N N 49 
VAL CB  CG2  sing N N 50 
VAL CB  HB   sing N N 51 
VAL CG1 HG11 sing N N 52 
VAL CG1 HG12 sing N N 53 
VAL CG1 HG13 sing N N 54 
VAL CG2 HG21 sing N N 55 
VAL CG2 HG22 sing N N 56 
VAL CG2 HG23 sing N N 57 
VAL OXT HXT  sing N N 58 
# 
loop_
_pdbx_audit_support.funding_organization 
_pdbx_audit_support.country 
_pdbx_audit_support.grant_number 
_pdbx_audit_support.ordinal 
'National Institutes of Health/National Institute on Aging (NIH/NIA)' 'United States' R01AG070895 1 
'National Institutes of Health/National Institute on Aging (NIH/NIA)' 'United States' R01AG048120 2 
'National Institutes of Health/National Institute on Aging (NIH/NIA)' 'United States' R01AG074954 3 
# 
_atom_sites.entry_id                    9DYY 
_atom_sites.fract_transf_matrix[1][1]   0.00397169 
_atom_sites.fract_transf_matrix[1][2]   0.02493521 
_atom_sites.fract_transf_matrix[1][3]   -0.01655530 
_atom_sites.fract_transf_matrix[2][1]   0.00340448 
_atom_sites.fract_transf_matrix[2][2]   0.01197287 
_atom_sites.fract_transf_matrix[2][3]   0.01885001 
_atom_sites.fract_transf_matrix[3][1]   0.10490182 
_atom_sites.fract_transf_matrix[3][2]   -0.02060045 
_atom_sites.fract_transf_matrix[3][3]   -0.00586152 
_atom_sites.fract_transf_vector[1]      0.250641 
_atom_sites.fract_transf_vector[2]      0.248303 
_atom_sites.fract_transf_vector[3]      0.333841 
# 
loop_
_atom_type.symbol 
_atom_type.pdbx_scat_Z 
_atom_type.pdbx_N_electrons 
_atom_type.scat_Cromer_Mann_a1 
_atom_type.scat_Cromer_Mann_b1 
_atom_type.scat_Cromer_Mann_a2 
_atom_type.scat_Cromer_Mann_b2 
_atom_type.scat_Cromer_Mann_a3 
_atom_type.scat_Cromer_Mann_b3 
_atom_type.scat_Cromer_Mann_a4 
_atom_type.scat_Cromer_Mann_b4 
_atom_type.scat_Cromer_Mann_c 
C 6 6 2.3103  20.8439 1.0201 10.2075 1.5888 0.5687  0.8651 51.6512 0.2156   
F 9 9 3.5395  10.2825 2.6414 4.2944  1.5171 0.2615  1.0244 26.1476 0.3042   
H 1 1 0.4930  10.5109 0.3229 26.1257 0.1402 3.1424  0.0408 57.7997 0.0030   
N 7 7 12.2220 0.0057  3.1346 9.8933  2.0141 28.9975 1.1672 0.5826  -11.5379 
O 8 8 3.0487  13.2771 2.2870 5.7011  1.5464 0.3239  0.8671 32.9089 0.2508   
# 
loop_
_atom_site.group_PDB 
_atom_site.id 
_atom_site.type_symbol 
_atom_site.label_atom_id 
_atom_site.label_alt_id 
_atom_site.label_comp_id 
_atom_site.label_asym_id 
_atom_site.label_entity_id 
_atom_site.label_seq_id 
_atom_site.pdbx_PDB_ins_code 
_atom_site.Cartn_x 
_atom_site.Cartn_y 
_atom_site.Cartn_z 
_atom_site.occupancy 
_atom_site.B_iso_or_equiv 
_atom_site.pdbx_formal_charge 
_atom_site.auth_seq_id 
_atom_site.auth_comp_id 
_atom_site.auth_asym_id 
_atom_site.auth_atom_id 
_atom_site.pdbx_PDB_model_num 
_atom_site.calc_flag 
ATOM   1   N N    . VAL A 1 1 ? 4.393  8.017   3.538   1.00 13.05 0 1   VAL A N    1 ? 
ATOM   2   C CA   . VAL A 1 1 ? 3.731  7.531   2.290   1.00 10.60 0 1   VAL A CA   1 ? 
ATOM   3   C C    . VAL A 1 1 ? 4.193  6.099   2.083   1.00 9.60  0 1   VAL A C    1 ? 
ATOM   4   O O    . VAL A 1 1 ? 5.402  5.860   2.034   1.00 10.64 0 1   VAL A O    1 ? 
ATOM   5   C CB   . VAL A 1 1 ? 4.118  8.435   1.105   1.00 12.79 0 1   VAL A CB   1 ? 
ATOM   6   C CG1  . VAL A 1 1 ? 3.713  7.850   -0.237  1.00 14.37 0 1   VAL A CG1  1 ? 
ATOM   7   C CG2  . VAL A 1 1 ? 3.565  9.841   1.285   1.00 14.66 0 1   VAL A CG2  1 ? 
ATOM   8   H H1   . VAL A 1 1 ? 4.637  8.882   3.460   1.00 12.60 0 1   VAL A H1   1 ? 
ATOM   9   H H2   . VAL A 1 1 ? 5.135  7.526   3.712   1.00 12.64 0 1   VAL A H2   1 ? 
ATOM   10  H H3   . VAL A 1 1 ? 3.819  7.932   4.234   1.00 12.67 0 1   VAL A H3   1 ? 
ATOM   11  H HA   . VAL A 1 1 ? 2.764  7.550   2.412   1.00 10.77 0 1   VAL A HA   1 ? 
ATOM   12  H HB   . VAL A 1 1 ? 5.101  8.506   1.109   1.00 12.69 0 1   VAL A HB   1 ? 
ATOM   13  H HG11 . VAL A 1 1 ? 4.363  7.180   -0.507  1.00 14.14 0 1   VAL A HG11 1 ? 
ATOM   14  H HG12 . VAL A 1 1 ? 3.681  8.555   -0.905  1.00 14.09 0 1   VAL A HG12 1 ? 
ATOM   15  H HG13 . VAL A 1 1 ? 2.836  7.438   -0.160  1.00 14.05 0 1   VAL A HG13 1 ? 
ATOM   16  H HG21 . VAL A 1 1 ? 2.633  9.792   1.558   1.00 14.63 0 1   VAL A HG21 1 ? 
ATOM   17  H HG22 . VAL A 1 1 ? 3.630  10.328  0.446   1.00 14.28 0 1   VAL A HG22 1 ? 
ATOM   18  H HG23 . VAL A 1 1 ? 4.076  10.308  1.967   1.00 14.15 0 1   VAL A HG23 1 ? 
ATOM   19  N N    . VAL A 1 2 ? 3.256  5.151   2.036   1.00 8.62  0 2   VAL A N    1 ? 
ATOM   20  C CA   . VAL A 1 2 ? 3.622  3.746   1.952   1.00 8.51  0 2   VAL A CA   1 ? 
ATOM   21  C C    . VAL A 1 2 ? 2.697  3.026   0.983   1.00 9.00  0 2   VAL A C    1 ? 
ATOM   22  O O    . VAL A 1 2 ? 1.561  3.441   0.743   1.00 9.13  0 2   VAL A O    1 ? 
ATOM   23  C CB   . VAL A 1 2 ? 3.613  3.052   3.329   1.00 9.34  0 2   VAL A CB   1 ? 
ATOM   24  C CG1  . VAL A 1 2 ? 4.629  3.663   4.275   1.00 9.59  0 2   VAL A CG1  1 ? 
ATOM   25  C CG2  . VAL A 1 2 ? 2.231  3.079   3.965   1.00 9.73  0 2   VAL A CG2  1 ? 
ATOM   26  H H    . VAL A 1 2 ? 2.365  5.381   2.057   1.00 8.79  0 2   VAL A H    1 ? 
ATOM   27  H HA   . VAL A 1 2 ? 4.527  3.693   1.595   1.00 8.57  0 2   VAL A HA   1 ? 
ATOM   28  H HB   . VAL A 1 2 ? 3.863  2.108   3.182   1.00 9.18  0 2   VAL A HB   1 ? 
ATOM   29  H HG11 . VAL A 1 2 ? 5.462  3.820   3.801   1.00 9.59  0 2   VAL A HG11 1 ? 
ATOM   30  H HG12 . VAL A 1 2 ? 4.790  3.054   5.016   1.00 9.51  0 2   VAL A HG12 1 ? 
ATOM   31  H HG13 . VAL A 1 2 ? 4.288  4.506   4.619   1.00 9.58  0 2   VAL A HG13 1 ? 
ATOM   32  H HG21 . VAL A 1 2 ? 1.867  3.980   3.919   1.00 9.70  0 2   VAL A HG21 1 ? 
ATOM   33  H HG22 . VAL A 1 2 ? 2.296  2.805   4.895   1.00 9.55  0 2   VAL A HG22 1 ? 
ATOM   34  H HG23 . VAL A 1 2 ? 1.641  2.468   3.490   1.00 9.74  0 2   VAL A HG23 1 ? 
ATOM   35  N N    . GLY A 1 3 ? 3.144  1.865   0.520   1.00 8.27  0 3   GLY A N    1 ? 
ATOM   36  C CA   . GLY A 1 3 ? 2.297  1.037   -0.316  1.00 8.75  0 3   GLY A CA   1 ? 
ATOM   37  C C    . GLY A 1 3 ? 2.830  -0.376  -0.415  1.00 8.50  0 3   GLY A C    1 ? 
ATOM   38  O O    . GLY A 1 3 ? 4.031  -0.597  -0.258  1.00 9.09  0 3   GLY A O    1 ? 
ATOM   39  H H    . GLY A 1 3 ? 3.996  1.578   0.725   1.00 8.57  0 3   GLY A H    1 ? 
ATOM   40  H HA2  . GLY A 1 3 ? 1.389  1.019   0.064   1.00 8.53  0 3   GLY A HA2  1 ? 
ATOM   41  H HA3  . GLY A 1 3 ? 2.242  1.432   -1.214  1.00 8.52  0 3   GLY A HA3  1 ? 
ATOM   42  N N    . GLY A 1 4 ? 1.958  -1.332  -0.700  1.00 7.90  0 4   GLY A N    1 ? 
ATOM   43  C CA   . GLY A 1 4 ? 2.417  -2.698  -0.820  1.00 7.95  0 4   GLY A CA   1 ? 
ATOM   44  C C    . GLY A 1 4 ? 1.306  -3.635  -1.227  1.00 7.39  0 4   GLY A C    1 ? 
ATOM   45  O O    . GLY A 1 4 ? 0.150  -3.220  -1.332  1.00 8.00  0 4   GLY A O    1 ? 
ATOM   46  H H    . GLY A 1 4 ? 1.065  -1.135  -0.820  1.00 7.97  0 4   GLY A H    1 ? 
ATOM   47  H HA2  . GLY A 1 4 ? 3.137  -2.733  -1.490  1.00 7.93  0 4   GLY A HA2  1 ? 
ATOM   48  H HA3  . GLY A 1 4 ? 2.792  -2.987  0.045   1.00 7.91  0 4   GLY A HA3  1 ? 
HETATM 49  N N    . DVA A 1 5 ? 1.670  -4.908  -1.372  1.00 7.37  0 5   DVA A N    1 ? 
HETATM 50  C CA   . DVA A 1 5 ? 0.703  -5.956  -1.641  1.00 9.08  0 5   DVA A CA   1 ? 
HETATM 51  C CB   . DVA A 1 5 ? 0.259  -6.657  -0.340  1.00 9.90  0 5   DVA A CB   1 ? 
HETATM 52  C CG1  . DVA A 1 5 ? 1.400  -7.375  0.356   1.00 11.65 0 5   DVA A CG1  1 ? 
HETATM 53  C CG2  . DVA A 1 5 ? -0.426 -5.687  0.610   1.00 11.12 0 5   DVA A CG2  1 ? 
HETATM 54  C C    . DVA A 1 5 ? 1.305  -6.939  -2.634  1.00 8.56  0 5   DVA A C    1 ? 
HETATM 55  O O    . DVA A 1 5 ? 2.522  -7.112  -2.709  1.00 8.47  0 5   DVA A O    1 ? 
HETATM 56  H H    . DVA A 1 5 ? 2.562  -5.133  -1.302  1.00 7.65  0 5   DVA A H    1 ? 
HETATM 57  H HA   . DVA A 1 5 ? -0.076 -5.548  -2.053  1.00 8.93  0 5   DVA A HA   1 ? 
HETATM 58  H HB   . DVA A 1 5 ? -0.406 -7.341  -0.593  1.00 9.92  0 5   DVA A HB   1 ? 
HETATM 59  H HG11 . DVA A 1 5 ? 1.186  -7.487  1.298   1.00 11.26 0 5   DVA A HG11 1 ? 
HETATM 60  H HG12 . DVA A 1 5 ? 2.217  -6.854  0.268   1.00 11.39 0 5   DVA A HG12 1 ? 
HETATM 61  H HG13 . DVA A 1 5 ? 1.528  -8.248  -0.052  1.00 11.21 0 5   DVA A HG13 1 ? 
HETATM 62  H HG21 . DVA A 1 5 ? -0.909 -6.185  1.292   1.00 10.83 0 5   DVA A HG21 1 ? 
HETATM 63  H HG22 . DVA A 1 5 ? -1.052 -5.132  0.112   1.00 10.90 0 5   DVA A HG22 1 ? 
HETATM 64  H HG23 . DVA A 1 5 ? 0.241  -5.120  1.035   1.00 10.92 0 5   DVA A HG23 1 ? 
HETATM 65  N N    . DVA A 1 6 ? 0.431  -7.587  -3.345  1.00 9.48  0 6   DVA A N    1 ? 
HETATM 66  C CA   . DVA A 1 6 ? 0.722  -8.635  -4.237  1.00 11.46 0 6   DVA A CA   1 ? 
HETATM 67  C CB   . DVA A 1 6 ? 0.936  -8.263  -5.624  1.00 15.51 0 6   DVA A CB   1 ? 
HETATM 68  C CG1  . DVA A 1 6 ? -0.304 -7.975  -6.361  1.00 16.78 0 6   DVA A CG1  1 ? 
HETATM 69  C CG2  . DVA A 1 6 ? 2.045  -7.292  -5.856  1.00 17.61 0 6   DVA A CG2  1 ? 
HETATM 70  C C    . DVA A 1 6 ? -0.066 -9.843  -4.037  1.00 11.84 0 6   DVA A C    1 ? 
HETATM 71  O O    . DVA A 1 6 ? -1.242 -9.727  -3.706  1.00 14.53 0 6   DVA A O    1 ? 
HETATM 72  H H    . DVA A 1 6 ? -0.512 -7.477  -2.999  1.00 9.52  0 6   DVA A H    1 ? 
HETATM 73  H HA   . DVA A 1 6 ? 1.720  -8.978  -3.932  1.00 11.91 0 6   DVA A HA   1 ? 
HETATM 74  H HB   . DVA A 1 6 ? 1.301  -9.172  -6.079  1.00 15.16 0 6   DVA A HB   1 ? 
HETATM 75  H HG11 . DVA A 1 6 ? -0.108 -7.279  -7.135  1.00 16.56 0 6   DVA A HG11 1 ? 
HETATM 76  H HG12 . DVA A 1 6 ? -1.039 -7.580  -5.708  1.00 16.66 0 6   DVA A HG12 1 ? 
HETATM 77  H HG13 . DVA A 1 6 ? -0.657 -8.882  -6.783  1.00 16.49 0 6   DVA A HG13 1 ? 
HETATM 78  H HG21 . DVA A 1 6 ? 2.280  -7.290  -6.891  1.00 17.18 0 6   DVA A HG21 1 ? 
HETATM 79  H HG22 . DVA A 1 6 ? 2.895  -7.598  -5.302  1.00 17.51 0 6   DVA A HG22 1 ? 
HETATM 80  H HG23 . DVA A 1 6 ? 1.758  -6.314  -5.556  1.00 17.20 0 6   DVA A HG23 1 ? 
HETATM 81  N N    . NH2 A 1 7 ? 0.499  -11.044 -4.209  1.00 14.15 0 7   NH2 A N    1 ? 
HETATM 82  H HN1  . NH2 A 1 7 ? -0.046 -11.882 -4.069  1.00 13.52 0 7   NH2 A HN1  1 ? 
HETATM 83  H HN2  . NH2 A 1 7 ? 1.469  -11.115 -4.481  1.00 13.52 0 7   NH2 A HN2  1 ? 
ATOM   84  N N    . VAL B 1 1 ? -3.813 -8.924  -2.190  1.00 11.91 0 1   VAL B N    1 ? 
ATOM   85  C CA   . VAL B 1 1 ? -4.359 -7.601  -1.799  1.00 10.75 0 1   VAL B CA   1 ? 
ATOM   86  C C    . VAL B 1 1 ? -3.309 -6.528  -2.072  1.00 9.62  0 1   VAL B C    1 ? 
ATOM   87  O O    . VAL B 1 1 ? -2.135 -6.814  -2.331  1.00 10.92 0 1   VAL B O    1 ? 
ATOM   88  C CB   . VAL B 1 1 ? -4.823 -7.617  -0.331  1.00 11.73 0 1   VAL B CB   1 ? 
ATOM   89  C CG1  . VAL B 1 1 ? -5.960 -8.626  -0.119  1.00 13.59 0 1   VAL B CG1  1 ? 
ATOM   90  C CG2  . VAL B 1 1 ? -3.674 -7.855  0.646   1.00 11.39 0 1   VAL B CG2  1 ? 
ATOM   91  H H1   . VAL B 1 1 ? -3.165 -9.185  -1.619  1.00 11.68 0 1   VAL B H1   1 ? 
ATOM   92  H H2   . VAL B 1 1 ? -3.457 -8.870  -3.021  1.00 11.90 0 1   VAL B H2   1 ? 
ATOM   93  H H3   . VAL B 1 1 ? -4.473 -9.545  -2.193  1.00 11.69 0 1   VAL B H3   1 ? 
ATOM   94  H HA   . VAL B 1 1 ? -5.135 -7.419  -2.363  1.00 11.00 0 1   VAL B HA   1 ? 
ATOM   95  H HB   . VAL B 1 1 ? -5.189 -6.721  -0.139  1.00 11.81 0 1   VAL B HB   1 ? 
ATOM   96  H HG11 . VAL B 1 1 ? -6.583 -8.574  -0.862  1.00 13.49 0 1   VAL B HG11 1 ? 
ATOM   97  H HG12 . VAL B 1 1 ? -6.425 -8.420  0.710   1.00 13.21 0 1   VAL B HG12 1 ? 
ATOM   98  H HG13 . VAL B 1 1 ? -5.591 -9.522  -0.068  1.00 13.22 0 1   VAL B HG13 1 ? 
ATOM   99  H HG21 . VAL B 1 1 ? -3.256 -8.711  0.457   1.00 11.43 0 1   VAL B HG21 1 ? 
ATOM   100 H HG22 . VAL B 1 1 ? -4.019 -7.859  1.554   1.00 11.44 0 1   VAL B HG22 1 ? 
ATOM   101 H HG23 . VAL B 1 1 ? -3.016 -7.146  0.555   1.00 11.46 0 1   VAL B HG23 1 ? 
ATOM   102 N N    . VAL B 1 2 ? -3.781 -5.283  -2.063  1.00 8.48  0 2   VAL B N    1 ? 
ATOM   103 C CA   . VAL B 1 2 ? -2.971 -4.101  -2.306  1.00 8.97  0 2   VAL B CA   1 ? 
ATOM   104 C C    . VAL B 1 2 ? -3.459 -3.026  -1.345  1.00 9.22  0 2   VAL B C    1 ? 
ATOM   105 O O    . VAL B 1 2 ? -4.657 -2.896  -1.123  1.00 9.53  0 2   VAL B O    1 ? 
ATOM   106 C CB   . VAL B 1 2 ? -3.082 -3.621  -3.767  1.00 10.83 0 2   VAL B CB   1 ? 
ATOM   107 C CG1  . VAL B 1 2 ? -2.331 -2.317  -4.001  1.00 11.99 0 2   VAL B CG1  1 ? 
ATOM   108 C CG2  . VAL B 1 2 ? -2.645 -4.697  -4.748  1.00 12.15 0 2   VAL B CG2  1 ? 
ATOM   109 H H    . VAL B 1 2 ? -4.679 -5.162  -1.896  1.00 8.80  0 2   VAL B H    1 ? 
ATOM   110 H HA   . VAL B 1 2 ? -2.040 -4.307  -2.107  1.00 9.08  0 2   VAL B HA   1 ? 
ATOM   111 H HB   . VAL B 1 2 ? -4.037 -3.441  -3.937  1.00 10.81 0 2   VAL B HB   1 ? 
ATOM   112 H HG11 . VAL B 1 2 ? -2.871 -1.570  -3.691  1.00 11.80 0 2   VAL B HG11 1 ? 
ATOM   113 H HG12 . VAL B 1 2 ? -2.148 -2.210  -4.949  1.00 11.85 0 2   VAL B HG12 1 ? 
ATOM   114 H HG13 . VAL B 1 2 ? -1.493 -2.334  -3.510  1.00 11.82 0 2   VAL B HG13 1 ? 
ATOM   115 H HG21 . VAL B 1 2 ? -1.771 -5.036  -4.491  1.00 12.13 0 2   VAL B HG21 1 ? 
ATOM   116 H HG22 . VAL B 1 2 ? -2.596 -4.323  -5.644  1.00 11.96 0 2   VAL B HG22 1 ? 
ATOM   117 H HG23 . VAL B 1 2 ? -3.288 -5.426  -4.738  1.00 11.77 0 2   VAL B HG23 1 ? 
ATOM   118 N N    . GLY B 1 3 ? -2.554 -2.223  -0.797  1.00 8.68  0 3   GLY B N    1 ? 
ATOM   119 C CA   . GLY B 1 3 ? -3.002 -1.062  -0.055  1.00 8.26  0 3   GLY B CA   1 ? 
ATOM   120 C C    . GLY B 1 3 ? -1.891 -0.073  0.239   1.00 7.71  0 3   GLY B C    1 ? 
ATOM   121 O O    . GLY B 1 3 ? -0.713 -0.369  0.052   1.00 7.93  0 3   GLY B O    1 ? 
ATOM   122 H H    . GLY B 1 3 ? -1.653 -2.395  -0.881  1.00 8.78  0 3   GLY B H    1 ? 
ATOM   123 H HA2  . GLY B 1 3 ? -3.704 -0.608  -0.575  1.00 8.17  0 3   GLY B HA2  1 ? 
ATOM   124 H HA3  . GLY B 1 3 ? -3.404 -1.360  0.793   1.00 8.15  0 3   GLY B HA3  1 ? 
ATOM   125 N N    . GLY B 1 4 ? -2.265 1.123   0.666   1.00 7.92  0 4   GLY B N    1 ? 
ATOM   126 C CA   . GLY B 1 4 ? -1.270 2.121   0.991   1.00 8.13  0 4   GLY B CA   1 ? 
ATOM   127 C C    . GLY B 1 4 ? -1.897 3.467   1.293   1.00 7.76  0 4   GLY B C    1 ? 
ATOM   128 O O    . GLY B 1 4 ? -3.115 3.563   1.466   1.00 8.52  0 4   GLY B O    1 ? 
ATOM   129 H H    . GLY B 1 4 ? -3.160 1.326   0.756   1.00 7.87  0 4   GLY B H    1 ? 
ATOM   130 H HA2  . GLY B 1 4 ? -0.751 1.816   1.771   1.00 8.05  0 4   GLY B HA2  1 ? 
ATOM   131 H HA3  . GLY B 1 4 ? -0.651 2.213   0.231   1.00 8.15  0 4   GLY B HA3  1 ? 
HETATM 132 N N    . DVA B 1 5 ? -1.033 4.481   1.369   1.00 8.02  0 5   DVA B N    1 ? 
HETATM 133 C CA   . DVA B 1 5 ? -1.438 5.855   1.588   1.00 7.86  0 5   DVA B CA   1 ? 
HETATM 134 C CB   . DVA B 1 5 ? -1.466 6.633   0.261   1.00 8.98  0 5   DVA B CB   1 ? 
HETATM 135 C CG1  . DVA B 1 5 ? -0.096 6.714   -0.382  1.00 11.57 0 5   DVA B CG1  1 ? 
HETATM 136 C CG2  . DVA B 1 5 ? -2.467 6.019   -0.702  1.00 10.65 0 5   DVA B CG2  1 ? 
HETATM 137 C C    . DVA B 1 5 ? -0.515 6.520   2.613   1.00 8.11  0 5   DVA B C    1 ? 
HETATM 138 O O    . DVA B 1 5 ? 0.651  6.148   2.778   1.00 8.85  0 5   DVA B O    1 ? 
HETATM 139 H H    . DVA B 1 5 ? -0.133 4.300   1.282   1.00 7.90  0 5   DVA B H    1 ? 
HETATM 140 H HA   . DVA B 1 5 ? -2.338 5.846   1.953   1.00 8.00  0 5   DVA B HA   1 ? 
HETATM 141 H HB   . DVA B 1 5 ? -1.764 7.554   0.462   1.00 9.11  0 5   DVA B HB   1 ? 
HETATM 142 H HG11 . DVA B 1 5 ? -0.184 7.052   -1.290  1.00 11.25 0 5   DVA B HG11 1 ? 
HETATM 143 H HG12 . DVA B 1 5 ? 0.309  5.830   -0.404  1.00 11.23 0 5   DVA B HG12 1 ? 
HETATM 144 H HG13 . DVA B 1 5 ? 0.470  7.316   0.132   1.00 11.05 0 5   DVA B HG13 1 ? 
HETATM 145 H HG21 . DVA B 1 5 ? -2.650 6.644   -1.423  1.00 10.26 0 5   DVA B HG21 1 ? 
HETATM 146 H HG22 . DVA B 1 5 ? -3.293 5.819   -0.228  1.00 10.42 0 5   DVA B HG22 1 ? 
HETATM 147 H HG23 . DVA B 1 5 ? -2.100 5.197   -1.071  1.00 10.48 0 5   DVA B HG23 1 ? 
HETATM 148 N N    . DVA B 1 6 ? -1.002 7.554   3.282   1.00 9.12  0 6   DVA B N    1 ? 
HETATM 149 C CA   . DVA B 1 6 ? -0.351 8.514   4.072   1.00 10.25 0 6   DVA B CA   1 ? 
HETATM 150 C CB   . DVA B 1 6 ? -0.417 8.275   5.498   1.00 12.63 0 6   DVA B CB   1 ? 
HETATM 151 C CG1  . DVA B 1 6 ? -1.790 8.385   6.049   1.00 13.12 0 6   DVA B CG1  1 ? 
HETATM 152 C CG2  . DVA B 1 6 ? 0.301  7.097   5.995   1.00 15.52 0 6   DVA B CG2  1 ? 
HETATM 153 C C    . DVA B 1 6 ? -0.578 9.894   3.646   1.00 11.15 0 6   DVA B C    1 ? 
HETATM 154 O O    . DVA B 1 6 ? -1.730 10.219  3.252   1.00 13.07 0 6   DVA B O    1 ? 
HETATM 155 H H    . DVA B 1 6 ? -1.994 7.639   3.114   1.00 9.36  0 6   DVA B H    1 ? 
HETATM 156 H HA   . DVA B 1 6 ? 0.716  8.382   3.849   1.00 10.59 0 6   DVA B HA   1 ? 
HETATM 157 H HB   . DVA B 1 6 ? 0.121  9.119   5.937   1.00 12.51 0 6   DVA B HB   1 ? 
HETATM 158 H HG11 . DVA B 1 6 ? -1.809 7.990   7.032   1.00 13.11 0 6   DVA B HG11 1 ? 
HETATM 159 H HG12 . DVA B 1 6 ? -2.471 7.850   5.440   1.00 12.90 0 6   DVA B HG12 1 ? 
HETATM 160 H HG13 . DVA B 1 6 ? -2.068 9.406   6.076   1.00 13.10 0 6   DVA B HG13 1 ? 
HETATM 161 H HG21 . DVA B 1 6 ? 0.323  7.124   7.056   1.00 15.02 0 6   DVA B HG21 1 ? 
HETATM 162 H HG22 . DVA B 1 6 ? 1.286  7.125   5.631   1.00 14.89 0 6   DVA B HG22 1 ? 
HETATM 163 H HG23 . DVA B 1 6 ? -0.174 6.235   5.671   1.00 15.06 0 6   DVA B HG23 1 ? 
HETATM 164 N N    . NH2 B 1 7 ? 0.430  10.774  3.712   1.00 11.51 0 7   NH2 B N    1 ? 
HETATM 165 H HN1  . NH2 B 1 7 ? 1.339  10.482  4.041   1.00 11.23 0 7   NH2 B HN1  1 ? 
HETATM 166 H HN2  . NH2 B 1 7 ? 0.281  11.732  3.425   1.00 11.41 0 7   NH2 B HN2  1 ? 
ATOM   167 N N    . VAL C 1 1 ? 5.308  14.722  11.522  1.00 10.85 0 1   VAL C N    1 ? 
ATOM   168 C CA   . VAL C 1 1 ? 4.259  13.708  11.199  1.00 9.91  0 1   VAL C CA   1 ? 
ATOM   169 C C    . VAL C 1 1 ? 4.861  12.309  11.268  1.00 8.79  0 1   VAL C C    1 ? 
ATOM   170 O O    . VAL C 1 1 ? 6.078  12.133  11.202  1.00 9.37  0 1   VAL C O    1 ? 
ATOM   171 C CB   . VAL C 1 1 ? 3.615  13.971  9.826   1.00 11.96 0 1   VAL C CB   1 ? 
ATOM   172 C CG1  . VAL C 1 1 ? 2.833  15.279  9.826   1.00 14.87 0 1   VAL C CG1  1 ? 
ATOM   173 C CG2  . VAL C 1 1 ? 4.637  13.945  8.696   1.00 13.01 0 1   VAL C CG2  1 ? 
ATOM   174 H H1   . VAL C 1 1 ? 5.902  14.788  10.847  1.00 10.78 0 1   VAL C H1   1 ? 
ATOM   175 H H2   . VAL C 1 1 ? 5.750  14.470  12.271  1.00 10.79 0 1   VAL C H2   1 ? 
ATOM   176 H H3   . VAL C 1 1 ? 4.924  15.532  11.658  1.00 10.75 0 1   VAL C H3   1 ? 
ATOM   177 H HA   . VAL C 1 1 ? 3.562  13.772  11.878  1.00 10.02 0 1   VAL C HA   1 ? 
ATOM   178 H HB   . VAL C 1 1 ? 2.974  13.240  9.664   1.00 11.75 0 1   VAL C HB   1 ? 
ATOM   179 H HG11 . VAL C 1 1 ? 2.267  15.320  10.615  1.00 14.36 0 1   VAL C HG11 1 ? 
ATOM   180 H HG12 . VAL C 1 1 ? 2.278  15.326  9.028   1.00 14.63 0 1   VAL C HG12 1 ? 
ATOM   181 H HG13 . VAL C 1 1 ? 3.452  16.029  9.833   1.00 14.19 0 1   VAL C HG13 1 ? 
ATOM   182 H HG21 . VAL C 1 1 ? 5.093  14.803  8.650   1.00 12.86 0 1   VAL C HG21 1 ? 
ATOM   183 H HG22 . VAL C 1 1 ? 4.183  13.777  7.853   1.00 12.89 0 1   VAL C HG22 1 ? 
ATOM   184 H HG23 . VAL C 1 1 ? 5.288  13.243  8.857   1.00 12.76 0 1   VAL C HG23 1 ? 
ATOM   185 N N    . VAL C 1 2 ? 3.978  11.318  11.407  1.00 9.02  0 2   VAL C N    1 ? 
ATOM   186 C CA   . VAL C 1 2 ? 4.368  9.936   11.620  1.00 9.07  0 2   VAL C CA   1 ? 
ATOM   187 C C    . VAL C 1 2 ? 3.320  9.042   10.976  1.00 9.44  0 2   VAL C C    1 ? 
ATOM   188 O O    . VAL C 1 2 ? 2.123  9.285   11.128  1.00 9.58  0 2   VAL C O    1 ? 
ATOM   189 C CB   . VAL C 1 2 ? 4.474  9.609   13.124  1.00 11.48 0 2   VAL C CB   1 ? 
ATOM   190 C CG1  . VAL C 1 2 ? 4.739  8.130   13.346  1.00 12.18 0 2   VAL C CG1  1 ? 
ATOM   191 C CG2  . VAL C 1 2 ? 5.522  10.438  13.863  1.00 14.56 0 2   VAL C CG2  1 ? 
ATOM   192 H H    . VAL C 1 2 ? 3.079  11.518  11.370  1.00 8.82  0 2   VAL C H    1 ? 
ATOM   193 H HA   . VAL C 1 2 ? 5.231  9.779   11.197  1.00 9.37  0 2   VAL C HA   1 ? 
ATOM   194 H HB   . VAL C 1 2 ? 3.597  9.816   13.526  1.00 11.49 0 2   VAL C HB   1 ? 
ATOM   195 H HG11 . VAL C 1 2 ? 3.902  7.638   13.298  1.00 12.05 0 2   VAL C HG11 1 ? 
ATOM   196 H HG12 . VAL C 1 2 ? 5.140  7.997   14.220  1.00 12.16 0 2   VAL C HG12 1 ? 
ATOM   197 H HG13 . VAL C 1 2 ? 5.344  7.802   12.660  1.00 12.02 0 2   VAL C HG13 1 ? 
ATOM   198 H HG21 . VAL C 1 2 ? 6.397  10.283  13.467  1.00 14.07 0 2   VAL C HG21 1 ? 
ATOM   199 H HG22 . VAL C 1 2 ? 5.540  10.177  14.798  1.00 14.00 0 2   VAL C HG22 1 ? 
ATOM   200 H HG23 . VAL C 1 2 ? 5.299  11.380  13.797  1.00 14.05 0 2   VAL C HG23 1 ? 
ATOM   201 N N    . GLY C 1 3 ? 3.736  7.972   10.305  1.00 9.91  0 3   GLY C N    1 ? 
ATOM   202 C CA   . GLY C 1 3 ? 2.737  7.061   9.776   1.00 9.98  0 3   GLY C CA   1 ? 
ATOM   203 C C    . GLY C 1 3 ? 3.346  5.918   8.987   1.00 8.97  0 3   GLY C C    1 ? 
ATOM   204 O O    . GLY C 1 3 ? 4.560  5.811   8.859   1.00 9.18  0 3   GLY C O    1 ? 
ATOM   205 H H    . GLY C 1 3 ? 4.633  7.804   10.176  1.00 9.90  0 3   GLY C H    1 ? 
ATOM   206 H HA2  . GLY C 1 3 ? 2.214  6.693   10.526  1.00 9.84  0 3   GLY C HA2  1 ? 
ATOM   207 H HA3  . GLY C 1 3 ? 2.118  7.563   9.196   1.00 9.92  0 3   GLY C HA3  1 ? 
ATOM   208 N N    . GLY C 1 4 ? 2.475  5.048   8.502   1.00 8.63  0 4   GLY C N    1 ? 
ATOM   209 C CA   . GLY C 1 4 ? 2.888  3.919   7.703   1.00 9.35  0 4   GLY C CA   1 ? 
ATOM   210 C C    . GLY C 1 4 ? 1.931  2.760   7.910   1.00 8.45  0 4   GLY C C    1 ? 
ATOM   211 O O    . GLY C 1 4 ? 0.754  2.974   8.222   1.00 8.54  0 4   GLY C O    1 ? 
ATOM   212 H H    . GLY C 1 4 ? 1.577  5.166   8.674   1.00 8.79  0 4   GLY C H    1 ? 
ATOM   213 H HA2  . GLY C 1 4 ? 2.901  4.178   6.752   1.00 9.07  0 4   GLY C HA2  1 ? 
ATOM   214 H HA3  . GLY C 1 4 ? 3.799  3.650   7.964   1.00 9.28  0 4   GLY C HA3  1 ? 
HETATM 215 N N    . DVA C 1 5 ? 2.458  1.553   7.722   1.00 8.32  0 5   DVA C N    1 ? 
HETATM 216 C CA   . DVA C 1 5 ? 1.738  0.316   7.946   1.00 8.45  0 5   DVA C CA   1 ? 
HETATM 217 C CB   . DVA C 1 5 ? 2.142  -0.282  9.306   1.00 10.61 0 5   DVA C CB   1 ? 
HETATM 218 C CG1  . DVA C 1 5 ? 2.025  0.730   10.425  1.00 11.50 0 5   DVA C CG1  1 ? 
HETATM 219 C CG2  . DVA C 1 5 ? 1.355  -1.531  9.624   1.00 12.61 0 5   DVA C CG2  1 ? 
HETATM 220 C C    . DVA C 1 5 ? 2.063  -0.640  6.801   1.00 8.54  0 5   DVA C C    1 ? 
HETATM 221 O O    . DVA C 1 5 ? 3.237  -0.854  6.499   1.00 9.34  0 5   DVA C O    1 ? 
HETATM 222 H H    . DVA C 1 5 ? 3.332  1.498   7.437   1.00 8.23  0 5   DVA C H    1 ? 
HETATM 223 H HA   . DVA C 1 5 ? 0.783  0.501   7.949   1.00 8.52  0 5   DVA C HA   1 ? 
HETATM 224 H HB   . DVA C 1 5 ? 3.094  -0.540  9.238   1.00 10.63 0 5   DVA C HB   1 ? 
HETATM 225 H HG11 . DVA C 1 5 ? 2.087  0.276   11.283  1.00 11.25 0 5   DVA C HG11 1 ? 
HETATM 226 H HG12 . DVA C 1 5 ? 1.168  1.187   10.362  1.00 11.43 0 5   DVA C HG12 1 ? 
HETATM 227 H HG13 . DVA C 1 5 ? 2.745  1.380   10.352  1.00 11.39 0 5   DVA C HG13 1 ? 
HETATM 228 H HG21 . DVA C 1 5 ? 1.524  -1.797  10.544  1.00 12.17 0 5   DVA C HG21 1 ? 
HETATM 229 H HG22 . DVA C 1 5 ? 1.626  -2.249  9.026   1.00 12.35 0 5   DVA C HG22 1 ? 
HETATM 230 H HG23 . DVA C 1 5 ? 0.405  -1.356  9.507   1.00 12.36 0 5   DVA C HG23 1 ? 
HETATM 231 N N    . DVA C 1 6 ? 1.085  -1.240  6.134   1.00 8.56  0 6   DVA C N    1 ? 
HETATM 232 C CA   . DVA C 1 6 ? 1.152  -2.221  5.135   1.00 9.37  0 6   DVA C CA   1 ? 
HETATM 233 C CB   . DVA C 1 6 ? 0.790  -1.761  3.797   1.00 12.46 0 6   DVA C CB   1 ? 
HETATM 234 C CG1  . DVA C 1 6 ? 1.517  -0.574  3.315   1.00 14.18 0 6   DVA C CG1  1 ? 
HETATM 235 C CG2  . DVA C 1 6 ? 0.609  -2.787  2.736   1.00 11.37 0 6   DVA C CG2  1 ? 
HETATM 236 C C    . DVA C 1 6 ? 0.569  -3.487  5.536   1.00 11.41 0 6   DVA C C    1 ? 
HETATM 237 O O    . DVA C 1 6 ? -0.600 -3.479  5.873   1.00 12.82 0 6   DVA C O    1 ? 
HETATM 238 H H    . DVA C 1 6 ? 0.223  -1.106  6.644   1.00 8.66  0 6   DVA C H    1 ? 
HETATM 239 H HA   . DVA C 1 6 ? 2.219  -2.467  5.056   1.00 9.94  0 6   DVA C HA   1 ? 
HETATM 240 H HB   . DVA C 1 6 ? -0.199 -1.380  3.940   1.00 12.18 0 6   DVA C HB   1 ? 
HETATM 241 H HG11 . DVA C 1 6 ? 1.034  -0.200  2.444   1.00 13.95 0 6   DVA C HG11 1 ? 
HETATM 242 H HG12 . DVA C 1 6 ? 2.508  -0.803  3.090   1.00 13.89 0 6   DVA C HG12 1 ? 
HETATM 243 H HG13 . DVA C 1 6 ? 1.496  0.174   4.065   1.00 14.07 0 6   DVA C HG13 1 ? 
HETATM 244 H HG21 . DVA C 1 6 ? 0.680  -2.341  1.782   1.00 11.61 0 6   DVA C HG21 1 ? 
HETATM 245 H HG22 . DVA C 1 6 ? -0.348 -3.203  2.844   1.00 11.54 0 6   DVA C HG22 1 ? 
HETATM 246 H HG23 . DVA C 1 6 ? 1.335  -3.555  2.832   1.00 11.51 0 6   DVA C HG23 1 ? 
HETATM 247 N N    . NH2 C 1 7 ? 1.299  -4.604  5.566   1.00 11.94 0 7   NH2 C N    1 ? 
HETATM 248 H HN1  . NH2 C 1 7 ? 0.875  -5.472  5.858   1.00 11.89 0 7   NH2 C HN1  1 ? 
HETATM 249 H HN2  . NH2 C 1 7 ? 2.270  -4.585  5.292   1.00 11.55 0 7   NH2 C HN2  1 ? 
ATOM   250 N N    . VAL D 1 1 ? -4.664 -14.326 -12.693 1.00 12.91 0 1   VAL D N    1 ? 
ATOM   251 C CA   . VAL D 1 1 ? -4.857 -13.409 -11.532 1.00 11.93 0 1   VAL D CA   1 ? 
ATOM   252 C C    . VAL D 1 1 ? -3.944 -12.212 -11.712 1.00 10.61 0 1   VAL D C    1 ? 
ATOM   253 O O    . VAL D 1 1 ? -2.771 -12.379 -12.023 1.00 12.39 0 1   VAL D O    1 ? 
ATOM   254 C CB   . VAL D 1 1 ? -4.530 -14.192 -10.254 1.00 14.38 0 1   VAL D CB   1 ? 
ATOM   255 C CG1  . VAL D 1 1 ? -4.667 -13.342 -9.005  1.00 16.35 0 1   VAL D CG1  1 ? 
ATOM   256 C CG2  . VAL D 1 1 ? -5.397 -15.435 -10.156 1.00 15.62 0 1   VAL D CG2  1 ? 
ATOM   257 H H1   . VAL D 1 1 ? -3.954 -14.867 -12.557 1.00 12.75 0 1   VAL D H1   1 ? 
ATOM   258 H H2   . VAL D 1 1 ? -4.525 -13.847 -13.449 1.00 12.80 0 1   VAL D H2   1 ? 
ATOM   259 H H3   . VAL D 1 1 ? -5.408 -14.830 -12.802 1.00 12.75 0 1   VAL D H3   1 ? 
ATOM   260 H HA   . VAL D 1 1 ? -5.786 -13.116 -11.506 1.00 12.01 0 1   VAL D HA   1 ? 
ATOM   261 H HB   . VAL D 1 1 ? -3.589 -14.482 -10.320 1.00 14.35 0 1   VAL D HB   1 ? 
ATOM   262 H HG11 . VAL D 1 1 ? -3.918 -12.726 -8.945  1.00 15.94 0 1   VAL D HG11 1 ? 
ATOM   263 H HG12 . VAL D 1 1 ? -4.674 -13.917 -8.221  1.00 16.06 0 1   VAL D HG12 1 ? 
ATOM   264 H HG13 . VAL D 1 1 ? -5.498 -12.839 -9.045  1.00 16.12 0 1   VAL D HG13 1 ? 
ATOM   265 H HG21 . VAL D 1 1 ? -6.322 -15.201 -10.341 1.00 15.38 0 1   VAL D HG21 1 ? 
ATOM   266 H HG22 . VAL D 1 1 ? -5.331 -15.810 -9.261  1.00 15.53 0 1   VAL D HG22 1 ? 
ATOM   267 H HG23 . VAL D 1 1 ? -5.094 -16.093 -10.804 1.00 15.37 0 1   VAL D HG23 1 ? 
ATOM   268 N N    . VAL D 1 2 ? -4.482 -11.011 -11.524 1.00 9.33  0 2   VAL D N    1 ? 
ATOM   269 C CA   . VAL D 1 2 ? -3.660 -9.816  -11.511 1.00 10.48 0 2   VAL D CA   1 ? 
ATOM   270 C C    . VAL D 1 2 ? -4.118 -8.933  -10.355 1.00 9.42  0 2   VAL D C    1 ? 
ATOM   271 O O    . VAL D 1 2 ? -5.270 -8.967  -9.931  1.00 9.41  0 2   VAL D O    1 ? 
ATOM   272 C CB   . VAL D 1 2 ? -3.697 -9.057  -12.852 1.00 11.91 0 2   VAL D CB   1 ? 
ATOM   273 C CG1  . VAL D 1 2 ? -3.328 -9.952  -14.025 1.00 13.39 0 2   VAL D CG1  1 ? 
ATOM   274 C CG2  . VAL D 1 2 ? -5.045 -8.398  -13.088 1.00 11.35 0 2   VAL D CG2  1 ? 
ATOM   275 H H    . VAL D 1 2 ? -5.392 -10.929 -11.402 1.00 9.52  0 2   VAL D H    1 ? 
ATOM   276 H HA   . VAL D 1 2 ? -2.738 -10.084 -11.341 1.00 10.59 0 2   VAL D HA   1 ? 
ATOM   277 H HB   . VAL D 1 2 ? -3.021 -8.342  -12.798 1.00 11.78 0 2   VAL D HB   1 ? 
ATOM   278 H HG11 . VAL D 1 2 ? -2.552 -10.489 -13.792 1.00 13.32 0 2   VAL D HG11 1 ? 
ATOM   279 H HG12 . VAL D 1 2 ? -3.119 -9.403  -14.799 1.00 12.98 0 2   VAL D HG12 1 ? 
ATOM   280 H HG13 . VAL D 1 2 ? -4.075 -10.537 -14.236 1.00 13.21 0 2   VAL D HG13 1 ? 
ATOM   281 H HG21 . VAL D 1 2 ? -5.753 -8.970  -12.745 1.00 11.38 0 2   VAL D HG21 1 ? 
ATOM   282 H HG22 . VAL D 1 2 ? -5.177 -8.258  -14.040 1.00 11.43 0 2   VAL D HG22 1 ? 
ATOM   283 H HG23 . VAL D 1 2 ? -5.073 -7.541  -12.629 1.00 11.41 0 2   VAL D HG23 1 ? 
ATOM   284 N N    . GLY D 1 3 ? -3.198 -8.105  -9.872  1.00 8.78  0 3   GLY D N    1 ? 
ATOM   285 C CA   . GLY D 1 3 ? -3.537 -7.093  -8.892  1.00 8.91  0 3   GLY D CA   1 ? 
ATOM   286 C C    . GLY D 1 3 ? -2.496 -5.996  -8.912  1.00 8.20  0 3   GLY D C    1 ? 
ATOM   287 O O    . GLY D 1 3 ? -1.348 -6.234  -9.279  1.00 9.42  0 3   GLY D O    1 ? 
ATOM   288 H H    . GLY D 1 3 ? -2.325 -8.175  -10.158 1.00 8.95  0 3   GLY D H    1 ? 
ATOM   289 H HA2  . GLY D 1 3 ? -4.424 -6.719  -9.102  1.00 8.73  0 3   GLY D HA2  1 ? 
ATOM   290 H HA3  . GLY D 1 3 ? -3.577 -7.502  -7.997  1.00 8.86  0 3   GLY D HA3  1 ? 
ATOM   291 N N    . GLY D 1 4 ? -2.898 -4.793  -8.526  1.00 8.18  0 4   GLY D N    1 ? 
ATOM   292 C CA   . GLY D 1 4 ? -1.932 -3.725  -8.374  1.00 8.47  0 4   GLY D CA   1 ? 
ATOM   293 C C    . GLY D 1 4 ? -2.592 -2.428  -7.945  1.00 8.21  0 4   GLY D C    1 ? 
ATOM   294 O O    . GLY D 1 4 ? -3.789 -2.381  -7.683  1.00 8.01  0 4   GLY D O    1 ? 
ATOM   295 H H    . GLY D 1 4 ? -3.788 -4.630  -8.355  1.00 8.03  0 4   GLY D H    1 ? 
ATOM   296 H HA2  . GLY D 1 4 ? -1.262 -3.992  -7.701  1.00 8.52  0 4   GLY D HA2  1 ? 
ATOM   297 H HA3  . GLY D 1 4 ? -1.464 -3.588  -9.231  1.00 8.38  0 4   GLY D HA3  1 ? 
HETATM 298 N N    . DVA D 1 5 ? -1.772 -1.384  -7.879  1.00 9.03  0 5   DVA D N    1 ? 
HETATM 299 C CA   . DVA D 1 5 ? -2.257 -0.058  -7.561  1.00 9.74  0 5   DVA D CA   1 ? 
HETATM 300 C CB   . DVA D 1 5 ? -2.455 0.762   -8.846  1.00 10.45 0 5   DVA D CB   1 ? 
HETATM 301 C CG1  . DVA D 1 5 ? -1.149 0.939   -9.613  1.00 13.65 0 5   DVA D CG1  1 ? 
HETATM 302 C CG2  . DVA D 1 5 ? -3.534 0.156   -9.728  1.00 10.35 0 5   DVA D CG2  1 ? 
HETATM 303 C C    . DVA D 1 5 ? -1.261 0.597   -6.616  1.00 10.07 0 5   DVA D C    1 ? 
HETATM 304 O O    . DVA D 1 5 ? -0.068 0.290   -6.660  1.00 10.18 0 5   DVA D O    1 ? 
HETATM 305 H H    . DVA D 1 5 ? -0.871 -1.504  -8.032  1.00 8.93  0 5   DVA D H    1 ? 
HETATM 306 H HA   . DVA D 1 5 ? -3.111 -0.142  -7.105  1.00 9.81  0 5   DVA D HA   1 ? 
HETATM 307 H HB   . DVA D 1 5 ? -2.765 1.661   -8.574  1.00 10.49 0 5   DVA D HB   1 ? 
HETATM 308 H HG11 . DVA D 1 5 ? -1.340 1.287   -10.502 1.00 13.03 0 5   DVA D HG11 1 ? 
HETATM 309 H HG12 . DVA D 1 5 ? -0.697 0.082   -9.693  1.00 13.02 0 5   DVA D HG12 1 ? 
HETATM 310 H HG13 . DVA D 1 5 ? -0.575 1.565   -9.139  1.00 13.01 0 5   DVA D HG13 1 ? 
HETATM 311 H HG21 . DVA D 1 5 ? -3.836 0.818   -10.374 1.00 10.33 0 5   DVA D HG21 1 ? 
HETATM 312 H HG22 . DVA D 1 5 ? -4.284 -0.125  -9.177  1.00 10.38 0 5   DVA D HG22 1 ? 
HETATM 313 H HG23 . DVA D 1 5 ? -3.172 -0.614  -10.201 1.00 10.38 0 5   DVA D HG23 1 ? 
HETATM 314 N N    . DVA D 1 6 ? -1.646 1.707   -6.049  1.00 10.43 0 6   DVA D N    1 ? 
HETATM 315 C CA   . DVA D 1 6 ? -0.998 2.631   -5.231  1.00 10.85 0 6   DVA D CA   1 ? 
HETATM 316 C CB   . DVA D 1 6 ? -1.029 2.303   -3.814  1.00 12.21 0 6   DVA D CB   1 ? 
HETATM 317 C CG1  . DVA D 1 6 ? -2.351 2.526   -3.188  1.00 12.92 0 6   DVA D CG1  1 ? 
HETATM 318 C CG2  . DVA D 1 6 ? -0.401 1.037   -3.409  1.00 13.09 0 6   DVA D CG2  1 ? 
HETATM 319 C C    . DVA D 1 6 ? -1.277 4.034   -5.596  1.00 11.39 0 6   DVA D C    1 ? 
HETATM 320 O O    . DVA D 1 6 ? -2.391 4.311   -6.061  1.00 13.31 0 6   DVA D O    1 ? 
HETATM 321 H H    . DVA D 1 6 ? -2.639 1.796   -6.208  1.00 10.40 0 6   DVA D H    1 ? 
HETATM 322 H HA   . DVA D 1 6 ? 0.066  2.536   -5.485  1.00 11.18 0 6   DVA D HA   1 ? 
HETATM 323 H HB   . DVA D 1 6 ? -0.385 3.057   -3.357  1.00 12.17 0 6   DVA D HB   1 ? 
HETATM 324 H HG11 . DVA D 1 6 ? -2.406 1.992   -2.274  1.00 12.86 0 6   DVA D HG11 1 ? 
HETATM 325 H HG12 . DVA D 1 6 ? -3.117 2.190   -3.837  1.00 12.85 0 6   DVA D HG12 1 ? 
HETATM 326 H HG13 . DVA D 1 6 ? -2.475 3.560   -2.999  1.00 12.76 0 6   DVA D HG13 1 ? 
HETATM 327 H HG21 . DVA D 1 6 ? -0.225 1.054   -2.364  1.00 12.89 0 6   DVA D HG21 1 ? 
HETATM 328 H HG22 . DVA D 1 6 ? 0.520  0.924   -3.919  1.00 12.98 0 6   DVA D HG22 1 ? 
HETATM 329 H HG23 . DVA D 1 6 ? -1.038 0.225   -3.645  1.00 12.95 0 6   DVA D HG23 1 ? 
HETATM 330 N N    . NH2 D 1 7 ? -0.320 4.954   -5.468  1.00 13.39 0 7   NH2 D N    1 ? 
HETATM 331 H HN1  . NH2 D 1 7 ? -0.504 5.911   -5.730  1.00 12.96 0 7   NH2 D HN1  1 ? 
HETATM 332 H HN2  . NH2 D 1 7 ? 0.585  4.698   -5.099  1.00 13.22 0 7   NH2 D HN2  1 ? 
HETATM 333 F F7   . CFH E 2 . ? 2.749  8.985   7.260   1.00 35.12 0 101 CFH C F7   1 ? 
HETATM 334 C C1   . CFH E 2 . ? 3.262  10.187  7.018   1.00 23.98 0 101 CFH C C1   1 ? 
HETATM 335 F F5   . CFH E 2 . ? 2.253  11.049  6.915   1.00 25.61 0 101 CFH C F5   1 ? 
HETATM 336 F F6   . CFH E 2 . ? 4.004  10.542  8.068   1.00 24.47 0 101 CFH C F6   1 ? 
HETATM 337 C C2   . CFH E 2 . ? 4.068  10.179  5.763   1.00 21.41 0 101 CFH C C2   1 ? 
HETATM 338 O O4   . CFH E 2 . ? 3.188  9.948   4.706   1.00 15.92 0 101 CFH C O4   1 ? 
HETATM 339 C C3   . CFH E 2 . ? 4.780  11.481  5.535   1.00 23.37 0 101 CFH C C3   1 ? 
HETATM 340 F F10  . CFH E 2 . ? 5.675  11.720  6.494   1.00 25.01 0 101 CFH C F10  1 ? 
HETATM 341 F F8   . CFH E 2 . ? 3.915  12.496  5.531   1.00 24.23 0 101 CFH C F8   1 ? 
HETATM 342 F F9   . CFH E 2 . ? 5.423  11.477  4.370   1.00 34.98 0 101 CFH C F9   1 ? 
HETATM 343 H H2   . CFH E 2 . ? 4.729  9.451   5.804   1.00 21.37 0 101 CFH C H2   1 ? 
HETATM 344 F F7   . CFH F 2 . ? 4.773  13.964  14.758  1.00 28.41 0 102 CFH C F7   1 ? 
HETATM 345 C C1   . CFH F 2 . ? 4.956  15.145  15.342  1.00 28.17 0 102 CFH C C1   1 ? 
HETATM 346 F F5   . CFH F 2 . ? 3.861  15.435  16.042  1.00 36.56 0 102 CFH C F5   1 ? 
HETATM 347 F F6   . CFH F 2 . ? 5.974  15.027  16.199  1.00 36.18 0 102 CFH C F6   1 ? 
HETATM 348 C C2   . CFH F 2 . ? 5.233  16.211  14.326  1.00 23.46 0 102 CFH C C2   1 ? 
HETATM 349 O O4   . CFH F 2 . ? 4.189  16.178  13.389  1.00 14.58 0 102 CFH C O4   1 ? 
HETATM 350 C C3   . CFH F 2 . ? 5.356  17.582  14.936  1.00 33.33 0 102 CFH C C3   1 ? 
HETATM 351 F F10  . CFH F 2 . ? 5.935  17.513  16.130  1.00 37.49 0 102 CFH C F10  1 ? 
HETATM 352 F F8   . CFH F 2 . ? 4.178  18.165  15.110  1.00 30.69 0 102 CFH C F8   1 ? 
HETATM 353 F F9   . CFH F 2 . ? 6.083  18.386  14.165  1.00 46.27 0 102 CFH C F9   1 ? 
HETATM 354 H H2   . CFH F 2 . ? 6.078  15.996  13.868  1.00 23.16 0 102 CFH C H2   1 ? 
HETATM 355 F F7   . CFH G 2 . ? -6.688 -11.684 -5.507  1.00 25.74 0 101 CFH D F7   1 ? 
HETATM 356 C C1   . CFH G 2 . ? -5.383 -11.752 -5.255  1.00 20.81 0 101 CFH D C1   1 ? 
HETATM 357 F F5   . CFH G 2 . ? -5.190 -12.638 -4.281  1.00 21.03 0 101 CFH D F5   1 ? 
HETATM 358 F F6   . CFH G 2 . ? -4.792 -12.226 -6.348  1.00 27.72 0 101 CFH D F6   1 ? 
HETATM 359 C C2   . CFH G 2 . ? -4.830 -10.412 -4.861  1.00 17.42 0 101 CFH D C2   1 ? 
HETATM 360 O O4   . CFH G 2 . ? -5.619 -9.893  -3.831  1.00 13.48 0 101 CFH D O4   1 ? 
HETATM 361 C C3   . CFH G 2 . ? -4.812 -9.417  -5.984  1.00 16.01 0 101 CFH D C3   1 ? 
HETATM 362 F F10  . CFH G 2 . ? -6.028 -9.217  -6.480  1.00 16.74 0 101 CFH D F10  1 ? 
HETATM 363 F F8   . CFH G 2 . ? -4.061 -9.851  -6.987  1.00 16.48 0 101 CFH D F8   1 ? 
HETATM 364 F F9   . CFH G 2 . ? -4.337 -8.236  -5.587  1.00 17.55 0 101 CFH D F9   1 ? 
HETATM 365 H H2   . CFH G 2 . ? -3.912 -10.533 -4.530  1.00 17.29 0 101 CFH D H2   1 ? 
HETATM 366 F F7   . CFH H 2 . ? -6.132 -14.673 -15.516 1.00 22.98 0 102 CFH D F7   1 ? 
HETATM 367 C C1   . CFH H 2 . ? -6.616 -15.907 -15.547 1.00 18.56 0 102 CFH D C1   1 ? 
HETATM 368 F F5   . CFH H 2 . ? -7.954 -15.857 -15.543 1.00 19.57 0 102 CFH D F5   1 ? 
HETATM 369 F F6   . CFH H 2 . ? -6.288 -16.443 -16.709 1.00 17.62 0 102 CFH D F6   1 ? 
HETATM 370 C C2   . CFH H 2 . ? -6.056 -16.662 -14.379 1.00 17.66 0 102 CFH D C2   1 ? 
HETATM 371 O O4   . CFH H 2 . ? -6.561 -16.065 -13.228 1.00 15.50 0 102 CFH D O4   1 ? 
HETATM 372 C C3   . CFH H 2 . ? -6.412 -18.114 -14.375 1.00 20.74 0 102 CFH D C3   1 ? 
HETATM 373 F F10  . CFH H 2 . ? -5.881 -18.748 -15.416 1.00 19.62 0 102 CFH D F10  1 ? 
HETATM 374 F F8   . CFH H 2 . ? -7.733 -18.269 -14.412 1.00 28.13 0 102 CFH D F8   1 ? 
HETATM 375 F F9   . CFH H 2 . ? -5.962 -18.714 -13.277 1.00 24.03 0 102 CFH D F9   1 ? 
HETATM 376 H H2   . CFH H 2 . ? -5.076 -16.573 -14.381 1.00 17.71 0 102 CFH D H2   1 ? 
# 
loop_
_atom_site_anisotrop.id 
_atom_site_anisotrop.type_symbol 
_atom_site_anisotrop.pdbx_label_atom_id 
_atom_site_anisotrop.pdbx_label_alt_id 
_atom_site_anisotrop.pdbx_label_comp_id 
_atom_site_anisotrop.pdbx_label_asym_id 
_atom_site_anisotrop.pdbx_label_seq_id 
_atom_site_anisotrop.pdbx_PDB_ins_code 
_atom_site_anisotrop.U[1][1] 
_atom_site_anisotrop.U[2][2] 
_atom_site_anisotrop.U[3][3] 
_atom_site_anisotrop.U[1][2] 
_atom_site_anisotrop.U[1][3] 
_atom_site_anisotrop.U[2][3] 
_atom_site_anisotrop.pdbx_auth_seq_id 
_atom_site_anisotrop.pdbx_auth_comp_id 
_atom_site_anisotrop.pdbx_auth_asym_id 
_atom_site_anisotrop.pdbx_auth_atom_id 
1   N N    . VAL A 1 ? 0.0835 0.1956 0.2166 0.0312  0.0154  -0.0552 1   VAL A N    
2   C CA   . VAL A 1 ? 0.0489 0.1612 0.1925 0.0393  0.0268  -0.0461 1   VAL A CA   
3   C C    . VAL A 1 ? 0.0365 0.1526 0.1756 0.0292  0.0119  -0.0478 1   VAL A C    
4   O O    . VAL A 1 ? 0.0415 0.1649 0.1977 0.0397  0.0321  -0.0653 1   VAL A O    
5   C CB   . VAL A 1 ? 0.0839 0.1840 0.2179 0.0189  0.0208  -0.0320 1   VAL A CB   
6   C CG1  . VAL A 1 ? 0.1007 0.2086 0.2366 0.0163  -0.0014 -0.0308 1   VAL A CG1  
7   C CG2  . VAL A 1 ? 0.1497 0.1864 0.2210 0.0298  0.0063  -0.0459 1   VAL A CG2  
8   H H1   . VAL A 1 ? 0.0775 0.1919 0.2092 0.0356  0.0181  -0.0520 1   VAL A H1   
9   H H2   . VAL A 1 ? 0.0837 0.1878 0.2089 0.0303  0.0197  -0.0526 1   VAL A H2   
10  H H3   . VAL A 1 ? 0.0806 0.1866 0.2140 0.0344  0.0140  -0.0522 1   VAL A H3   
11  H HA   . VAL A 1 ? 0.0475 0.1674 0.1942 0.0317  0.0222  -0.0453 1   VAL A HA   
12  H HB   . VAL A 1 ? 0.0835 0.1836 0.2150 0.0248  0.0165  -0.0367 1   VAL A HB   
13  H HG11 . VAL A 1 ? 0.1016 0.2047 0.2308 0.0133  0.0037  -0.0299 1   VAL A HG11 
14  H HG12 . VAL A 1 ? 0.0988 0.2040 0.2326 0.0166  0.0055  -0.0334 1   VAL A HG12 
15  H HG13 . VAL A 1 ? 0.1017 0.2024 0.2299 0.0175  0.0049  -0.0313 1   VAL A HG13 
16  H HG21 . VAL A 1 ? 0.1477 0.1859 0.2220 0.0281  0.0063  -0.0408 1   VAL A HG21 
17  H HG22 . VAL A 1 ? 0.1311 0.1871 0.2243 0.0278  0.0101  -0.0421 1   VAL A HG22 
18  H HG23 . VAL A 1 ? 0.1310 0.1860 0.2207 0.0279  0.0104  -0.0409 1   VAL A HG23 
19  N N    . VAL A 2 ? 0.0236 0.1542 0.1497 0.0309  -0.0012 -0.0387 2   VAL A N    
20  C CA   . VAL A 2 ? 0.0139 0.1515 0.1580 0.0236  0.0017  -0.0432 2   VAL A CA   
21  C C    . VAL A 2 ? 0.0277 0.1371 0.1772 0.0270  -0.0179 -0.0429 2   VAL A C    
22  O O    . VAL A 2 ? 0.0165 0.1456 0.1848 0.0275  -0.0003 -0.0536 2   VAL A O    
23  C CB   . VAL A 2 ? 0.0430 0.1549 0.1568 0.0308  0.0070  -0.0414 2   VAL A CB   
24  C CG1  . VAL A 2 ? 0.0453 0.1587 0.1602 0.0334  0.0002  -0.0353 2   VAL A CG1  
25  C CG2  . VAL A 2 ? 0.0557 0.1757 0.1381 0.0359  0.0147  -0.0369 2   VAL A CG2  
26  H H    . VAL A 2 ? 0.0239 0.1524 0.1576 0.0307  0.0021  -0.0415 2   VAL A H    
27  H HA   . VAL A 2 ? 0.0179 0.1509 0.1569 0.0241  0.0064  -0.0423 2   VAL A HA   
28  H HB   . VAL A 2 ? 0.0390 0.1555 0.1541 0.0316  0.0064  -0.0400 2   VAL A HB   
29  H HG11 . VAL A 2 ? 0.0475 0.1574 0.1595 0.0322  0.0019  -0.0368 2   VAL A HG11 
30  H HG12 . VAL A 2 ? 0.0457 0.1568 0.1588 0.0323  0.0022  -0.0362 2   VAL A HG12 
31  H HG13 . VAL A 2 ? 0.0462 0.1586 0.1594 0.0319  0.0020  -0.0361 2   VAL A HG13 
32  H HG21 . VAL A 2 ? 0.0528 0.1730 0.1429 0.0330  0.0128  -0.0372 2   VAL A HG21 
33  H HG22 . VAL A 2 ? 0.0526 0.1699 0.1402 0.0344  0.0126  -0.0361 2   VAL A HG22 
34  H HG23 . VAL A 2 ? 0.0544 0.1717 0.1441 0.0356  0.0138  -0.0361 2   VAL A HG23 
35  N N    . GLY A 3 ? 0.0160 0.1448 0.1534 0.0306  -0.0288 -0.0422 3   GLY A N    
36  C CA   . GLY A 3 ? 0.0175 0.1614 0.1533 0.0308  -0.0339 -0.0387 3   GLY A CA   
37  C C    . GLY A 3 ? 0.0132 0.1593 0.1505 0.0325  -0.0105 -0.0447 3   GLY A C    
38  O O    . GLY A 3 ? 0.0200 0.1584 0.1669 0.0450  -0.0071 -0.0482 3   GLY A O    
39  H H    . GLY A 3 ? 0.0275 0.1423 0.1559 0.0362  -0.0496 -0.0349 3   GLY A H    
40  H HA2  . GLY A 3 ? 0.0155 0.1563 0.1523 0.0310  -0.0278 -0.0407 3   GLY A HA2  
41  H HA3  . GLY A 3 ? 0.0157 0.1565 0.1513 0.0313  -0.0279 -0.0401 3   GLY A HA3  
42  N N    . GLY A 4 ? 0.0163 0.1447 0.1391 0.0358  -0.0004 -0.0378 4   GLY A N    
43  C CA   . GLY A 4 ? 0.0204 0.1379 0.1436 0.0226  -0.0051 -0.0485 4   GLY A CA   
44  C C    . GLY A 4 ? 0.0111 0.1414 0.1283 0.0256  -0.0061 -0.0399 4   GLY A C    
45  O O    . GLY A 4 ? 0.0098 0.1517 0.1425 0.0222  -0.0046 -0.0409 4   GLY A O    
46  H H    . GLY A 4 ? 0.0148 0.1462 0.1418 0.0336  -0.0169 -0.0388 4   GLY A H    
47  H HA2  . GLY A 4 ? 0.0189 0.1406 0.1418 0.0269  -0.0062 -0.0441 4   GLY A HA2  
48  H HA3  . GLY A 4 ? 0.0165 0.1407 0.1433 0.0266  -0.0027 -0.0453 4   GLY A HA3  
49  N N    . DVA A 5 ? 0.0160 0.1410 0.1231 0.0243  -0.0016 -0.0394 5   DVA A N    
50  C CA   . DVA A 5 ? 0.0343 0.1398 0.1707 0.0165  0.0048  -0.0368 5   DVA A CA   
51  C CB   . DVA A 5 ? 0.0367 0.1669 0.1725 0.0043  0.0017  -0.0364 5   DVA A CB   
52  C CG1  . DVA A 5 ? 0.0918 0.1672 0.1837 0.0185  -0.0182 -0.0227 5   DVA A CG1  
53  C CG2  . DVA A 5 ? 0.0591 0.1869 0.1764 0.0068  0.0138  -0.0391 5   DVA A CG2  
54  C C    . DVA A 5 ? 0.0192 0.1372 0.1688 0.0221  0.0086  -0.0296 5   DVA A C    
55  O O    . DVA A 5 ? 0.0230 0.1360 0.1629 0.0355  0.0106  -0.0338 5   DVA A O    
56  H H    . DVA A 5 ? 0.0172 0.1402 0.1331 0.0255  -0.0053 -0.0382 5   DVA A H    
57  H HA   . DVA A 5 ? 0.0329 0.1462 0.1602 0.0158  0.0054  -0.0372 5   DVA A HA   
58  H HB   . DVA A 5 ? 0.0428 0.1603 0.1737 0.0062  -0.0003 -0.0368 5   DVA A HB   
59  H HG11 . DVA A 5 ? 0.0742 0.1692 0.1846 0.0171  -0.0127 -0.0282 5   DVA A HG11 
60  H HG12 . DVA A 5 ? 0.0820 0.1714 0.1794 0.0230  -0.0128 -0.0284 5   DVA A HG12 
61  H HG13 . DVA A 5 ? 0.0736 0.1712 0.1813 0.0167  -0.0121 -0.0265 5   DVA A HG13 
62  H HG21 . DVA A 5 ? 0.0535 0.1816 0.1765 0.0066  0.0102  -0.0388 5   DVA A HG21 
63  H HG22 . DVA A 5 ? 0.0549 0.1826 0.1767 0.0042  0.0126  -0.0397 5   DVA A HG22 
64  H HG23 . DVA A 5 ? 0.0556 0.1831 0.1764 0.0088  0.0127  -0.0366 5   DVA A HG23 
65  N N    . DVA A 6 ? 0.0221 0.1731 0.1648 0.0280  0.0034  -0.0463 6   DVA A N    
66  C CA   . DVA A 6 ? 0.0966 0.1660 0.1727 -0.0084 -0.0073 -0.0603 6   DVA A CA   
67  C CB   . DVA A 6 ? 0.1737 0.2311 0.1846 -0.0064 -0.0037 -0.0354 6   DVA A CB   
68  C CG1  . DVA A 6 ? 0.2066 0.2348 0.1962 0.0059  -0.0258 -0.0332 6   DVA A CG1  
69  C CG2  . DVA A 6 ? 0.2592 0.2234 0.1863 -0.0417 0.0106  -0.0416 6   DVA A CG2  
70  C C    . DVA A 6 ? 0.0886 0.1631 0.1983 -0.0070 -0.0116 -0.0588 6   DVA A C    
71  O O    . DVA A 6 ? 0.1051 0.1788 0.2684 -0.0037 0.0242  -0.0936 6   DVA A O    
72  H H    . DVA A 6 ? 0.0275 0.1713 0.1628 0.0191  0.0128  -0.0504 6   DVA A H    
73  H HA   . DVA A 6 ? 0.0980 0.1756 0.1788 -0.0029 -0.0047 -0.0532 6   DVA A HA   
74  H HB   . DVA A 6 ? 0.1706 0.2222 0.1831 -0.0146 -0.0089 -0.0377 6   DVA A HB   
75  H HG11 . DVA A 6 ? 0.1987 0.2352 0.1952 0.0015  -0.0207 -0.0352 6   DVA A HG11 
76  H HG12 . DVA A 6 ? 0.2032 0.2347 0.1950 -0.0003 -0.0233 -0.0325 6   DVA A HG12 
77  H HG13 . DVA A 6 ? 0.1982 0.2357 0.1927 0.0022  -0.0198 -0.0330 6   DVA A HG13 
78  H HG21 . DVA A 6 ? 0.2380 0.2282 0.1864 -0.0309 0.0090  -0.0396 6   DVA A HG21 
79  H HG22 . DVA A 6 ? 0.2461 0.2281 0.1911 -0.0339 0.0167  -0.0426 6   DVA A HG22 
80  H HG23 . DVA A 6 ? 0.2393 0.2282 0.1862 -0.0317 0.0094  -0.0394 6   DVA A HG23 
81  N N    . NH2 A 7 ? 0.1192 0.1708 0.2476 0.0051  -0.0028 -0.0665 7   NH2 A N    
82  H HN1  . NH2 A 7 ? 0.1128 0.1726 0.2283 0.0050  -0.0069 -0.0640 7   NH2 A HN1  
83  H HN2  . NH2 A 7 ? 0.1169 0.1687 0.2281 0.0009  -0.0075 -0.0634 7   NH2 A HN2  
84  N N    . VAL B 1 ? 0.0842 0.1442 0.2242 0.0064  -0.0428 -0.0569 1   VAL B N    
85  C CA   . VAL B 1 ? 0.0605 0.1505 0.1974 0.0093  -0.0214 -0.0481 1   VAL B CA   
86  C C    . VAL B 1 ? 0.0216 0.1566 0.1874 0.0224  -0.0121 -0.0515 1   VAL B C    
87  O O    . VAL B 1 ? 0.0161 0.1865 0.2122 0.0214  -0.0161 -0.0524 1   VAL B O    
88  C CB   . VAL B 1 ? 0.0559 0.1735 0.2161 0.0270  -0.0119 -0.0181 1   VAL B CB   
89  C CG1  . VAL B 1 ? 0.0714 0.1857 0.2591 0.0206  0.0228  -0.0140 1   VAL B CG1  
90  C CG2  . VAL B 1 ? 0.0377 0.1783 0.2169 0.0366  -0.0029 -0.0195 1   VAL B CG2  
91  H H1   . VAL B 1 ? 0.0795 0.1465 0.2175 0.0072  -0.0357 -0.0533 1   VAL B H1   
92  H H2   . VAL B 1 ? 0.0815 0.1468 0.2238 0.0074  -0.0386 -0.0541 1   VAL B H2   
93  H H3   . VAL B 1 ? 0.0803 0.1463 0.2176 0.0072  -0.0356 -0.0532 1   VAL B H3   
94  H HA   . VAL B 1 ? 0.0601 0.1551 0.2026 0.0146  -0.0210 -0.0455 1   VAL B HA   
95  H HB   . VAL B 1 ? 0.0581 0.1739 0.2166 0.0241  -0.0070 -0.0239 1   VAL B HB   
96  H HG11 . VAL B 1 ? 0.0755 0.1825 0.2546 0.0223  0.0202  -0.0161 1   VAL B HG11 
97  H HG12 . VAL B 1 ? 0.0704 0.1830 0.2485 0.0226  0.0130  -0.0146 1   VAL B HG12 
98  H HG13 . VAL B 1 ? 0.0706 0.1857 0.2462 0.0208  0.0134  -0.0155 1   VAL B HG13 
99  H HG21 . VAL B 1 ? 0.0444 0.1744 0.2153 0.0347  -0.0060 -0.0195 1   VAL B HG21 
100 H HG22 . VAL B 1 ? 0.0436 0.1764 0.2146 0.0342  -0.0053 -0.0187 1   VAL B HG22 
101 H HG23 . VAL B 1 ? 0.0440 0.1762 0.2153 0.0345  -0.0058 -0.0187 1   VAL B HG23 
102 N N    . VAL B 2 ? 0.0182 0.1509 0.1530 0.0175  -0.0071 -0.0462 2   VAL B N    
103 C CA   . VAL B 2 ? 0.0237 0.1589 0.1583 0.0155  0.0000  -0.0434 2   VAL B CA   
104 C C    . VAL B 2 ? 0.0205 0.1546 0.1752 0.0134  0.0105  -0.0456 2   VAL B C    
105 O O    . VAL B 2 ? 0.0287 0.1530 0.1802 0.0286  0.0228  -0.0694 2   VAL B O    
106 C CB   . VAL B 2 ? 0.0652 0.1791 0.1671 0.0199  0.0079  -0.0341 2   VAL B CB   
107 C CG1  . VAL B 2 ? 0.0712 0.1901 0.1943 0.0261  0.0187  -0.0178 2   VAL B CG1  
108 C CG2  . VAL B 2 ? 0.1001 0.1791 0.1826 -0.0002 0.0139  -0.0494 2   VAL B CG2  
109 H H    . VAL B 2 ? 0.0191 0.1541 0.1610 0.0171  -0.0039 -0.0468 2   VAL B H    
110 H HA   . VAL B 2 ? 0.0254 0.1589 0.1606 0.0172  -0.0019 -0.0424 2   VAL B HA   
111 H HB   . VAL B 2 ? 0.0643 0.1762 0.1704 0.0171  0.0078  -0.0361 2   VAL B HB   
112 H HG11 . VAL B 2 ? 0.0738 0.1880 0.1865 0.0236  0.0156  -0.0228 2   VAL B HG11 
113 H HG12 . VAL B 2 ? 0.0728 0.1871 0.1903 0.0243  0.0149  -0.0237 2   VAL B HG12 
114 H HG13 . VAL B 2 ? 0.0753 0.1870 0.1866 0.0244  0.0169  -0.0233 2   VAL B HG13 
115 H HG21 . VAL B 2 ? 0.1015 0.1803 0.1791 0.0023  0.0141  -0.0457 2   VAL B HG21 
116 H HG22 . VAL B 2 ? 0.0921 0.1797 0.1826 0.0055  0.0123  -0.0465 2   VAL B HG22 
117 H HG23 . VAL B 2 ? 0.0910 0.1779 0.1782 0.0047  0.0123  -0.0448 2   VAL B HG23 
118 N N    . GLY B 3 ? 0.0240 0.1540 0.1517 0.0203  0.0098  -0.0539 3   GLY B N    
119 C CA   . GLY B 3 ? 0.0107 0.1504 0.1528 0.0207  0.0062  -0.0502 3   GLY B CA   
120 C C    . GLY B 3 ? 0.0107 0.1478 0.1345 0.0245  -0.0052 -0.0511 3   GLY B C    
121 O O    . GLY B 3 ? 0.0092 0.1336 0.1582 0.0191  -0.0115 -0.0581 3   GLY B O    
122 H H    . GLY B 3 ? 0.0232 0.1534 0.1570 0.0185  0.0095  -0.0510 3   GLY B H    
123 H HA2  . GLY B 3 ? 0.0114 0.1505 0.1484 0.0219  0.0051  -0.0511 3   GLY B HA2  
124 H HA3  . GLY B 3 ? 0.0110 0.1503 0.1484 0.0223  0.0044  -0.0510 3   GLY B HA3  
125 N N    . GLY B 4 ? 0.0125 0.1493 0.1391 0.0256  -0.0229 -0.0522 4   GLY B N    
126 C CA   . GLY B 4 ? 0.0125 0.1468 0.1494 0.0238  -0.0136 -0.0559 4   GLY B CA   
127 C C    . GLY B 4 ? 0.0142 0.1458 0.1350 0.0180  0.0099  -0.0512 4   GLY B C    
128 O O    . GLY B 4 ? 0.0309 0.1609 0.1319 0.0463  0.0176  -0.0539 4   GLY B O    
129 H H    . GLY B 4 ? 0.0114 0.1479 0.1397 0.0262  -0.0148 -0.0528 4   GLY B H    
130 H HA2  . GLY B 4 ? 0.0132 0.1474 0.1453 0.0231  -0.0103 -0.0540 4   GLY B HA2  
131 H HA3  . GLY B 4 ? 0.0147 0.1473 0.1475 0.0237  -0.0132 -0.0540 4   GLY B HA3  
132 N N    . DVA B 5 ? 0.0083 0.1542 0.1424 0.0160  -0.0013 -0.0565 5   DVA B N    
133 C CA   . DVA B 5 ? 0.0133 0.1562 0.1290 0.0178  -0.0010 -0.0606 5   DVA B CA   
134 C CB   . DVA B 5 ? 0.0397 0.1752 0.1264 0.0225  0.0020  -0.0616 5   DVA B CB   
135 C CG1  . DVA B 5 ? 0.0277 0.2236 0.1882 0.0049  -0.0011 -0.0437 5   DVA B CG1  
136 C CG2  . DVA B 5 ? 0.0628 0.1926 0.1493 0.0111  -0.0209 -0.0491 5   DVA B CG2  
137 C C    . DVA B 5 ? 0.0256 0.1480 0.1345 0.0244  -0.0117 -0.0606 5   DVA B C    
138 O O    . DVA B 5 ? 0.0184 0.1723 0.1455 0.0178  -0.0105 -0.0533 5   DVA B O    
139 H H    . DVA B 5 ? 0.0095 0.1531 0.1377 0.0180  0.0033  -0.0564 5   DVA B H    
140 H HA   . DVA B 5 ? 0.0161 0.1577 0.1303 0.0180  0.0026  -0.0592 5   DVA B HA   
141 H HB   . DVA B 5 ? 0.0359 0.1735 0.1367 0.0211  -0.0017 -0.0582 5   DVA B HB   
142 H HG11 . DVA B 5 ? 0.0366 0.2131 0.1778 0.0130  0.0022  -0.0534 5   DVA B HG11 
143 H HG12 . DVA B 5 ? 0.0378 0.2210 0.1678 0.0086  0.0014  -0.0500 5   DVA B HG12 
144 H HG13 . DVA B 5 ? 0.0375 0.2125 0.1700 0.0144  0.0023  -0.0488 5   DVA B HG13 
145 H HG21 . DVA B 5 ? 0.0583 0.1892 0.1423 0.0153  -0.0138 -0.0529 5   DVA B HG21 
146 H HG22 . DVA B 5 ? 0.0641 0.1887 0.1431 0.0171  -0.0170 -0.0533 5   DVA B HG22 
147 H HG23 . DVA B 5 ? 0.0594 0.1960 0.1430 0.0127  -0.0151 -0.0492 5   DVA B HG23 
148 N N    . DVA B 6 ? 0.0482 0.1511 0.1471 0.0249  0.0078  -0.0608 6   DVA B N    
149 C CA   . DVA B 6 ? 0.0607 0.1726 0.1561 0.0023  -0.0056 -0.0463 6   DVA B CA   
150 C CB   . DVA B 6 ? 0.0880 0.2328 0.1593 -0.0162 -0.0184 -0.0314 6   DVA B CB   
151 C CG1  . DVA B 6 ? 0.0852 0.2461 0.1670 -0.0361 -0.0204 -0.0373 6   DVA B CG1  
152 C CG2  . DVA B 6 ? 0.1285 0.2727 0.1884 -0.0074 -0.0122 0.0087  6   DVA B CG2  
153 C C    . DVA B 6 ? 0.0567 0.1730 0.1940 0.0097  -0.0025 -0.0338 6   DVA B C    
154 O O    . DVA B 6 ? 0.0493 0.2058 0.2417 0.0323  0.0108  -0.0372 6   DVA B O    
155 H H    . DVA B 6 ? 0.0493 0.1578 0.1485 0.0172  0.0019  -0.0566 6   DVA B H    
156 H HA   . DVA B 6 ? 0.0624 0.1780 0.1619 0.0053  -0.0035 -0.0447 6   DVA B HA   
157 H HB   . DVA B 6 ? 0.0865 0.2252 0.1637 -0.0147 -0.0147 -0.0290 6   DVA B HB   
158 H HG11 . DVA B 6 ? 0.0865 0.2448 0.1668 -0.0304 -0.0204 -0.0369 6   DVA B HG11 
159 H HG12 . DVA B 6 ? 0.0853 0.2419 0.1628 -0.0311 -0.0215 -0.0374 6   DVA B HG12 
160 H HG13 . DVA B 6 ? 0.0863 0.2468 0.1645 -0.0312 -0.0202 -0.0360 6   DVA B HG13 
161 H HG21 . DVA B 6 ? 0.1180 0.2647 0.1881 -0.0065 -0.0144 -0.0041 6   DVA B HG21 
162 H HG22 . DVA B 6 ? 0.1258 0.2623 0.1773 -0.0070 -0.0163 -0.0062 6   DVA B HG22 
163 H HG23 . DVA B 6 ? 0.1201 0.2738 0.1780 -0.0017 -0.0129 -0.0013 6   DVA B HG23 
164 N N    . NH2 B 7 ? 0.0398 0.1716 0.2258 0.0246  -0.0190 -0.0493 7   NH2 B N    
165 H HN1  . NH2 B 7 ? 0.0422 0.1717 0.2129 0.0219  -0.0194 -0.0424 7   NH2 B HN1  
166 H HN2  . NH2 B 7 ? 0.0451 0.1736 0.2148 0.0199  -0.0146 -0.0439 7   NH2 B HN2  
167 N N    . VAL C 1 ? 0.0825 0.1507 0.1789 0.0069  -0.0030 -0.0559 1   VAL C N    
168 C CA   . VAL C 1 ? 0.0703 0.1455 0.1608 0.0112  0.0023  -0.0531 1   VAL C CA   
169 C C    . VAL C 1 ? 0.0229 0.1490 0.1619 0.0076  -0.0026 -0.0394 1   VAL C C    
170 O O    . VAL C 1 ? 0.0267 0.1466 0.1826 0.0230  -0.0033 -0.0475 1   VAL C O    
171 C CB   . VAL C 1 ? 0.0868 0.1835 0.1842 0.0026  -0.0108 -0.0326 1   VAL C CB   
172 C CG1  . VAL C 1 ? 0.0969 0.2016 0.2666 0.0204  0.0126  -0.0016 1   VAL C CG1  
173 C CG2  . VAL C 1 ? 0.1110 0.2001 0.1832 0.0110  -0.0011 -0.0201 1   VAL C CG2  
174 H H1   . VAL C 1 ? 0.0840 0.1499 0.1759 0.0085  -0.0032 -0.0547 1   VAL C H1   
175 H H2   . VAL C 1 ? 0.0832 0.1507 0.1761 0.0076  -0.0012 -0.0552 1   VAL C H2   
176 H H3   . VAL C 1 ? 0.0830 0.1509 0.1745 0.0078  -0.0016 -0.0543 1   VAL C H3   
177 H HA   . VAL C 1 ? 0.0631 0.1527 0.1650 0.0092  0.0011  -0.0472 1   VAL C HA   
178 H HB   . VAL C 1 ? 0.0870 0.1749 0.1847 0.0069  -0.0036 -0.0336 1   VAL C HB   
179 H HG11 . VAL C 1 ? 0.1044 0.1967 0.2446 0.0171  0.0009  -0.0140 1   VAL C HG11 
180 H HG12 . VAL C 1 ? 0.1074 0.1975 0.2512 0.0172  0.0140  -0.0144 1   VAL C HG12 
181 H HG13 . VAL C 1 ? 0.1029 0.1985 0.2376 0.0190  0.0053  -0.0145 1   VAL C HG13 
182 H HG21 . VAL C 1 ? 0.1057 0.1995 0.1833 0.0111  -0.0038 -0.0244 1   VAL C HG21 
183 H HG22 . VAL C 1 ? 0.1063 0.1966 0.1868 0.0094  -0.0022 -0.0236 1   VAL C HG22 
184 H HG23 . VAL C 1 ? 0.1057 0.1963 0.1826 0.0076  -0.0034 -0.0252 1   VAL C HG23 
185 N N    . VAL C 2 ? 0.0072 0.1616 0.1738 0.0045  -0.0114 -0.0347 2   VAL C N    
186 C CA   . VAL C 2 ? 0.0147 0.1594 0.1705 -0.0046 -0.0206 -0.0244 2   VAL C CA   
187 C C    . VAL C 2 ? 0.0215 0.1497 0.1874 0.0009  -0.0187 -0.0412 2   VAL C C    
188 O O    . VAL C 2 ? 0.0212 0.1526 0.1901 -0.0003 -0.0182 -0.0604 2   VAL C O    
189 C CB   . VAL C 2 ? 0.0592 0.1989 0.1781 -0.0107 -0.0228 -0.0004 2   VAL C CB   
190 C CG1  . VAL C 2 ? 0.0595 0.2029 0.2001 -0.0030 -0.0254 -0.0109 2   VAL C CG1  
191 C CG2  . VAL C 2 ? 0.0827 0.2548 0.2156 -0.0330 -0.0439 0.0033  2   VAL C CG2  
192 H H    . VAL C 2 ? 0.0078 0.1571 0.1702 0.0060  -0.0152 -0.0326 2   VAL C H    
193 H HA   . VAL C 2 ? 0.0194 0.1633 0.1734 -0.0017 -0.0167 -0.0267 2   VAL C HA   
194 H HB   . VAL C 2 ? 0.0561 0.1972 0.1832 -0.0105 -0.0266 -0.0073 2   VAL C HB   
195 H HG11 . VAL C 2 ? 0.0629 0.2011 0.1940 -0.0055 -0.0248 -0.0074 2   VAL C HG11 
196 H HG12 . VAL C 2 ? 0.0623 0.2021 0.1975 -0.0058 -0.0233 -0.0075 2   VAL C HG12 
197 H HG13 . VAL C 2 ? 0.0614 0.2009 0.1942 -0.0056 -0.0248 -0.0075 2   VAL C HG13 
198 H HG21 . VAL C 2 ? 0.0891 0.2400 0.2053 -0.0275 -0.0403 0.0026  2   VAL C HG21 
199 H HG22 . VAL C 2 ? 0.0790 0.2404 0.2124 -0.0249 -0.0368 -0.0001 2   VAL C HG22 
200 H HG23 . VAL C 2 ? 0.0787 0.2518 0.2032 -0.0274 -0.0362 0.0004  2   VAL C HG23 
201 N N    . GLY C 3 ? 0.0418 0.1577 0.1770 0.0235  -0.0373 -0.0394 3   GLY C N    
202 C CA   . GLY C 3 ? 0.0487 0.1471 0.1832 0.0199  -0.0228 -0.0433 3   GLY C CA   
203 C C    . GLY C 3 ? 0.0186 0.1408 0.1812 0.0177  -0.0139 -0.0335 3   GLY C C    
204 O O    . GLY C 3 ? 0.0216 0.1540 0.1733 0.0196  -0.0008 -0.0601 3   GLY C O    
205 H H    . GLY C 3 ? 0.0419 0.1535 0.1807 0.0161  -0.0286 -0.0401 3   GLY C H    
206 H HA2  . GLY C 3 ? 0.0416 0.1485 0.1838 0.0206  -0.0249 -0.0408 3   GLY C HA2  
207 H HA3  . GLY C 3 ? 0.0436 0.1495 0.1840 0.0183  -0.0222 -0.0413 3   GLY C HA3  
208 N N    . GLY C 4 ? 0.0333 0.1360 0.1584 0.0163  0.0023  -0.0478 4   GLY C N    
209 C CA   . GLY C 4 ? 0.0561 0.1341 0.1651 0.0198  -0.0133 -0.0536 4   GLY C CA   
210 C C    . GLY C 4 ? 0.0180 0.1398 0.1631 0.0282  -0.0080 -0.0596 4   GLY C C    
211 O O    . GLY C 4 ? 0.0139 0.1252 0.1854 0.0264  -0.0119 -0.0603 4   GLY C O    
212 H H    . GLY C 4 ? 0.0318 0.1374 0.1648 0.0174  -0.0022 -0.0456 4   GLY C H    
213 H HA2  . GLY C 4 ? 0.0438 0.1364 0.1643 0.0213  -0.0077 -0.0535 4   GLY C HA2  
214 H HA3  . GLY C 4 ? 0.0517 0.1373 0.1636 0.0195  -0.0069 -0.0533 4   GLY C HA3  
215 N N    . DVA C 5 ? 0.0135 0.1465 0.1562 0.0314  -0.0065 -0.0480 5   DVA C N    
216 C CA   . DVA C 5 ? 0.0278 0.1401 0.1530 0.0380  0.0062  -0.0449 5   DVA C CA   
217 C CB   . DVA C 5 ? 0.0842 0.1763 0.1427 0.0262  0.0037  -0.0407 5   DVA C CB   
218 C CG1  . DVA C 5 ? 0.1195 0.1804 0.1371 0.0349  -0.0039 -0.0379 5   DVA C CG1  
219 C CG2  . DVA C 5 ? 0.1199 0.2018 0.1573 0.0007  -0.0106 -0.0331 5   DVA C CG2  
220 C C    . DVA C 5 ? 0.0289 0.1558 0.1399 0.0065  -0.0010 -0.0544 5   DVA C C    
221 O O    . DVA C 5 ? 0.0403 0.1633 0.1513 0.0097  0.0216  -0.0632 5   DVA C O    
222 H H    . DVA C 5 ? 0.0142 0.1441 0.1546 0.0298  0.0027  -0.0504 5   DVA C H    
223 H HA   . DVA C 5 ? 0.0250 0.1493 0.1496 0.0314  0.0012  -0.0470 5   DVA C HA   
224 H HB   . DVA C 5 ? 0.0850 0.1727 0.1462 0.0276  0.0012  -0.0393 5   DVA C HB   
225 H HG11 . DVA C 5 ? 0.1108 0.1794 0.1375 0.0327  -0.0017 -0.0376 5   DVA C HG11 
226 H HG12 . DVA C 5 ? 0.1159 0.1800 0.1383 0.0319  -0.0018 -0.0384 5   DVA C HG12 
227 H HG13 . DVA C 5 ? 0.1125 0.1818 0.1384 0.0366  -0.0020 -0.0387 5   DVA C HG13 
228 H HG21 . DVA C 5 ? 0.1120 0.1949 0.1554 0.0083  -0.0058 -0.0348 5   DVA C HG21 
229 H HG22 . DVA C 5 ? 0.1118 0.2003 0.1571 0.0060  -0.0082 -0.0300 5   DVA C HG22 
230 H HG23 . DVA C 5 ? 0.1205 0.1954 0.1537 0.0065  -0.0060 -0.0344 5   DVA C HG23 
231 N N    . DVA C 6 ? 0.0334 0.1379 0.1541 0.0212  -0.0102 -0.0674 6   DVA C N    
232 C CA   . DVA C 6 ? 0.0781 0.1363 0.1416 0.0126  -0.0046 -0.0568 6   DVA C CA   
233 C CB   . DVA C 6 ? 0.1439 0.1852 0.1442 0.0174  -0.0041 -0.0397 6   DVA C CB   
234 C CG1  . DVA C 6 ? 0.1510 0.2094 0.1782 0.0134  0.0052  -0.0102 6   DVA C CG1  
235 C CG2  . DVA C 6 ? 0.1087 0.1865 0.1369 0.0346  -0.0190 -0.0311 6   DVA C CG2  
236 C C    . DVA C 6 ? 0.0813 0.1461 0.2060 0.0126  0.0040  -0.0412 6   DVA C C    
237 O O    . DVA C 6 ? 0.0850 0.1636 0.2385 -0.0068 0.0182  -0.0417 6   DVA C O    
238 H H    . DVA C 6 ? 0.0419 0.1383 0.1487 0.0200  -0.0050 -0.0644 6   DVA C H    
239 H HA   . DVA C 6 ? 0.0781 0.1438 0.1558 0.0131  -0.0045 -0.0540 6   DVA C HA   
240 H HB   . DVA C 6 ? 0.1377 0.1784 0.1467 0.0126  -0.0083 -0.0364 6   DVA C HB   
241 H HG11 . DVA C 6 ? 0.1525 0.2057 0.1715 0.0151  0.0043  -0.0184 6   DVA C HG11 
242 H HG12 . DVA C 6 ? 0.1524 0.2057 0.1697 0.0152  0.0037  -0.0172 6   DVA C HG12 
243 H HG13 . DVA C 6 ? 0.1480 0.2105 0.1762 0.0162  0.0028  -0.0117 6   DVA C HG13 
244 H HG21 . DVA C 6 ? 0.1168 0.1862 0.1380 0.0325  -0.0148 -0.0308 6   DVA C HG21 
245 H HG22 . DVA C 6 ? 0.1132 0.1861 0.1390 0.0315  -0.0142 -0.0315 6   DVA C HG22 
246 H HG23 . DVA C 6 ? 0.1151 0.1835 0.1388 0.0351  -0.0155 -0.0313 6   DVA C HG23 
247 N N    . NH2 C 7 ? 0.0620 0.1732 0.2184 0.0306  0.0193  -0.0331 7   NH2 C N    
248 H HN1  . NH2 C 7 ? 0.0691 0.1693 0.2134 0.0269  0.0143  -0.0372 7   NH2 C HN1  
249 H HN2  . NH2 C 7 ? 0.0623 0.1652 0.2114 0.0231  0.0178  -0.0362 7   NH2 C HN2  
250 N N    . VAL D 1 ? 0.0687 0.1892 0.2325 0.0050  0.0036  -0.0562 1   VAL D N    
251 C CA   . VAL D 1 ? 0.0703 0.1662 0.2168 0.0022  -0.0050 -0.0437 1   VAL D CA   
252 C C    . VAL D 1 ? 0.0608 0.1675 0.1747 0.0012  -0.0253 -0.0523 1   VAL D C    
253 O O    . VAL D 1 ? 0.0460 0.1877 0.2370 0.0060  -0.0438 -0.0464 1   VAL D O    
254 C CB   . VAL D 1 ? 0.1090 0.2088 0.2287 -0.0110 0.0190  -0.0180 1   VAL D CB   
255 C CG1  . VAL D 1 ? 0.1561 0.2019 0.2632 -0.0180 0.0509  -0.0303 1   VAL D CG1  
256 C CG2  . VAL D 1 ? 0.1209 0.2055 0.2670 -0.0105 0.0224  -0.0224 1   VAL D CG2  
257 H H1   . VAL D 1 ? 0.0742 0.1819 0.2283 0.0041  0.0007  -0.0516 1   VAL D H1   
258 H H2   . VAL D 1 ? 0.0717 0.1830 0.2317 0.0048  -0.0003 -0.0546 1   VAL D H2   
259 H H3   . VAL D 1 ? 0.0739 0.1822 0.2282 0.0038  0.0006  -0.0520 1   VAL D H3   
260 H HA   . VAL D 1 ? 0.0700 0.1759 0.2102 0.0026  -0.0045 -0.0442 1   VAL D HA   
261 H HB   . VAL D 1 ? 0.1124 0.1967 0.2363 -0.0083 0.0187  -0.0272 1   VAL D HB   
262 H HG11 . VAL D 1 ? 0.1469 0.2069 0.2520 -0.0144 0.0413  -0.0266 1   VAL D HG11 
263 H HG12 . VAL D 1 ? 0.1447 0.2082 0.2574 -0.0156 0.0411  -0.0299 1   VAL D HG12 
264 H HG13 . VAL D 1 ? 0.1523 0.2076 0.2527 -0.0192 0.0412  -0.0267 1   VAL D HG13 
265 H HG21 . VAL D 1 ? 0.1216 0.2065 0.2563 -0.0114 0.0208  -0.0213 1   VAL D HG21 
266 H HG22 . VAL D 1 ? 0.1193 0.2077 0.2631 -0.0112 0.0219  -0.0235 1   VAL D HG22 
267 H HG23 . VAL D 1 ? 0.1184 0.2077 0.2577 -0.0111 0.0205  -0.0205 1   VAL D HG23 
268 N N    . VAL D 2 ? 0.0280 0.1712 0.1554 0.0017  -0.0188 -0.0533 2   VAL D N    
269 C CA   . VAL D 2 ? 0.0685 0.1626 0.1668 0.0011  0.0117  -0.0500 2   VAL D CA   
270 C C    . VAL D 2 ? 0.0363 0.1565 0.1651 0.0006  0.0137  -0.0456 2   VAL D C    
271 O O    . VAL D 2 ? 0.0218 0.1449 0.1908 0.0076  0.0012  -0.0474 2   VAL D O    
272 C CB   . VAL D 2 ? 0.0847 0.1841 0.1836 0.0152  0.0275  -0.0333 2   VAL D CB   
273 C CG1  . VAL D 2 ? 0.1323 0.2037 0.1728 0.0079  0.0396  -0.0285 2   VAL D CG1  
274 C CG2  . VAL D 2 ? 0.0784 0.1831 0.1698 0.0144  0.0329  -0.0378 2   VAL D CG2  
275 H H    . VAL D 2 ? 0.0305 0.1691 0.1622 0.0025  -0.0107 -0.0522 2   VAL D H    
276 H HA   . VAL D 2 ? 0.0686 0.1679 0.1659 0.0012  0.0089  -0.0479 2   VAL D HA   
277 H HB   . VAL D 2 ? 0.0894 0.1840 0.1742 0.0130  0.0277  -0.0371 2   VAL D HB   
278 H HG11 . VAL D 2 ? 0.1271 0.2017 0.1773 0.0059  0.0384  -0.0306 2   VAL D HG11 
279 H HG12 . VAL D 2 ? 0.1201 0.1975 0.1755 0.0101  0.0375  -0.0282 2   VAL D HG12 
280 H HG13 . VAL D 2 ? 0.1240 0.2011 0.1767 0.0131  0.0384  -0.0285 2   VAL D HG13 
281 H HG21 . VAL D 2 ? 0.0792 0.1814 0.1718 0.0138  0.0308  -0.0363 2   VAL D HG21 
282 H HG22 . VAL D 2 ? 0.0804 0.1826 0.1712 0.0145  0.0313  -0.0360 2   VAL D HG22 
283 H HG23 . VAL D 2 ? 0.0799 0.1815 0.1722 0.0144  0.0313  -0.0368 2   VAL D HG23 
284 N N    . GLY D 3 ? 0.0289 0.1614 0.1431 0.0034  0.0095  -0.0383 3   GLY D N    
285 C CA   . GLY D 3 ? 0.0332 0.1544 0.1511 0.0112  0.0138  -0.0328 3   GLY D CA   
286 C C    . GLY D 3 ? 0.0342 0.1647 0.1128 0.0014  0.0011  -0.0469 3   GLY D C    
287 O O    . GLY D 3 ? 0.0147 0.1729 0.1702 -0.0111 -0.0095 -0.0369 3   GLY D O    
288 H H    . GLY D 3 ? 0.0323 0.1595 0.1480 0.0026  0.0153  -0.0391 3   GLY D H    
289 H HA2  . GLY D 3 ? 0.0329 0.1584 0.1403 0.0087  0.0084  -0.0372 3   GLY D HA2  
290 H HA3  . GLY D 3 ? 0.0338 0.1599 0.1429 0.0078  0.0094  -0.0385 3   GLY D HA3  
291 N N    . GLY D 4 ? 0.0088 0.1642 0.1376 0.0116  0.0121  -0.0310 4   GLY D N    
292 C CA   . GLY D 4 ? 0.0337 0.1551 0.1330 0.0098  0.0197  -0.0462 4   GLY D CA   
293 C C    . GLY D 4 ? 0.0287 0.1522 0.1311 0.0131  0.0175  -0.0373 4   GLY D C    
294 O O    . GLY D 4 ? 0.0266 0.1481 0.1295 0.0021  0.0148  -0.0481 4   GLY D O    
295 H H    . GLY D 4 ? 0.0148 0.1632 0.1272 0.0095  0.0270  -0.0404 4   GLY D H    
296 H HA2  . GLY D 4 ? 0.0294 0.1574 0.1368 0.0100  0.0206  -0.0413 4   GLY D HA2  
297 H HA3  . GLY D 4 ? 0.0268 0.1570 0.1346 0.0109  0.0177  -0.0403 4   GLY D HA3  
298 N N    . DVA D 5 ? 0.0367 0.1459 0.1606 0.0153  0.0317  -0.0478 5   DVA D N    
299 C CA   . DVA D 5 ? 0.0463 0.1374 0.1865 0.0144  0.0156  -0.0432 5   DVA D CA   
300 C CB   . DVA D 5 ? 0.0769 0.1386 0.1816 0.0271  0.0320  -0.0440 5   DVA D CB   
301 C CG1  . DVA D 5 ? 0.1146 0.1808 0.2233 0.0109  0.0675  -0.0366 5   DVA D CG1  
302 C CG2  . DVA D 5 ? 0.0953 0.1306 0.1673 0.0239  0.0328  -0.0375 5   DVA D CG2  
303 C C    . DVA D 5 ? 0.0544 0.1499 0.1782 0.0164  0.0141  -0.0536 5   DVA D C    
304 O O    . DVA D 5 ? 0.0505 0.1447 0.1917 0.0046  0.0336  -0.0791 5   DVA D O    
305 H H    . DVA D 5 ? 0.0349 0.1466 0.1579 0.0136  0.0274  -0.0441 5   DVA D H    
306 H HA   . DVA D 5 ? 0.0534 0.1415 0.1778 0.0170  0.0207  -0.0457 5   DVA D HA   
307 H HB   . DVA D 5 ? 0.0781 0.1369 0.1835 0.0247  0.0337  -0.0429 5   DVA D HB   
308 H HG11 . DVA D 5 ? 0.1040 0.1714 0.2196 0.0171  0.0582  -0.0429 5   DVA D HG11 
309 H HG12 . DVA D 5 ? 0.1054 0.1808 0.2084 0.0116  0.0555  -0.0383 5   DVA D HG12 
310 H HG13 . DVA D 5 ? 0.1071 0.1751 0.2122 0.0225  0.0594  -0.0355 5   DVA D HG13 
311 H HG21 . DVA D 5 ? 0.0911 0.1315 0.1700 0.0255  0.0322  -0.0376 5   DVA D HG21 
312 H HG22 . DVA D 5 ? 0.0912 0.1324 0.1707 0.0252  0.0323  -0.0384 5   DVA D HG22 
313 H HG23 . DVA D 5 ? 0.0914 0.1327 0.1704 0.0254  0.0322  -0.0385 5   DVA D HG23 
314 N N    . DVA D 6 ? 0.0561 0.1474 0.1927 0.0269  -0.0219 -0.0552 6   DVA D N    
315 C CA   . DVA D 6 ? 0.0750 0.1546 0.1826 0.0013  -0.0283 -0.0347 6   DVA D CA   
316 C CB   . DVA D 6 ? 0.0925 0.1874 0.1841 0.0062  -0.0385 -0.0279 6   DVA D CB   
317 C CG1  . DVA D 6 ? 0.1276 0.1992 0.1640 0.0125  -0.0178 -0.0553 6   DVA D CG1  
318 C CG2  . DVA D 6 ? 0.1247 0.1908 0.1817 0.0087  -0.0327 -0.0239 6   DVA D CG2  
319 C C    . DVA D 6 ? 0.0710 0.1562 0.2057 0.0197  -0.0293 -0.0318 6   DVA D C    
320 O O    . DVA D 6 ? 0.0651 0.1775 0.2630 0.0261  -0.0316 -0.0315 6   DVA D O    
321 H H    . DVA D 6 ? 0.0565 0.1496 0.1890 0.0182  -0.0258 -0.0481 6   DVA D H    
322 H HA   . DVA D 6 ? 0.0766 0.1592 0.1889 0.0096  -0.0280 -0.0370 6   DVA D HA   
323 H HB   . DVA D 6 ? 0.1005 0.1825 0.1793 0.0062  -0.0321 -0.0329 6   DVA D HB   
324 H HG11 . DVA D 6 ? 0.1186 0.1965 0.1735 0.0123  -0.0235 -0.0465 6   DVA D HG11 
325 H HG12 . DVA D 6 ? 0.1203 0.1955 0.1727 0.0131  -0.0213 -0.0452 6   DVA D HG12 
326 H HG13 . DVA D 6 ? 0.1181 0.1952 0.1716 0.0122  -0.0231 -0.0455 6   DVA D HG13 
327 H HG21 . DVA D 6 ? 0.1163 0.1908 0.1826 0.0087  -0.0347 -0.0242 6   DVA D HG21 
328 H HG22 . DVA D 6 ? 0.1196 0.1905 0.1831 0.0080  -0.0362 -0.0242 6   DVA D HG22 
329 H HG23 . DVA D 6 ? 0.1173 0.1924 0.1824 0.0101  -0.0343 -0.0234 6   DVA D HG23 
330 N N    . NH2 D 7 ? 0.1195 0.1717 0.2176 -0.0044 -0.0224 -0.0261 7   NH2 D N    
331 H HN1  . NH2 D 7 ? 0.1065 0.1722 0.2138 0.0022  -0.0231 -0.0290 7   NH2 D HN1  
332 H HN2  . NH2 D 7 ? 0.1182 0.1690 0.2151 -0.0001 -0.0198 -0.0293 7   NH2 D HN2  
333 F F7   . CFH E . ? 0.6060 0.3648 0.3637 -0.2001 -0.1403 0.0135  101 CFH C F7   
334 C C1   . CFH E . ? 0.2756 0.3327 0.3028 -0.0645 -0.0626 -0.0203 101 CFH C C1   
335 F F5   . CFH E . ? 0.1466 0.4517 0.3750 -0.0449 0.0333  -0.1330 101 CFH C F5   
336 F F6   . CFH E . ? 0.2243 0.4032 0.3024 -0.1319 -0.0331 -0.0264 101 CFH C F6   
337 C C2   . CFH E . ? 0.2225 0.3226 0.2683 -0.0362 -0.0896 -0.0480 101 CFH C C2   
338 O O4   . CFH E . ? 0.0792 0.2645 0.2610 0.0309  -0.0527 -0.0168 101 CFH C O4   
339 C C3   . CFH E . ? 0.2763 0.3269 0.2848 -0.0244 -0.1126 -0.0084 101 CFH C C3   
340 F F10  . CFH E . ? 0.2286 0.4255 0.2963 -0.0092 -0.1067 -0.0146 101 CFH C F10  
341 F F8   . CFH E . ? 0.3627 0.2671 0.2908 0.0035  -0.1066 -0.0596 101 CFH C F8   
342 F F9   . CFH E . ? 0.3912 0.6186 0.3191 -0.0578 -0.0439 -0.0056 101 CFH C F9   
343 H H2   . CFH E . ? 0.2148 0.3246 0.2726 -0.0324 -0.0766 -0.0302 101 CFH C H2   
344 F F7   . CFH F . ? 0.3274 0.3734 0.3786 -0.0328 -0.1503 0.1268  102 CFH C F7   
345 C C1   . CFH F . ? 0.2488 0.5001 0.3216 -0.0630 -0.1373 0.0613  102 CFH C C1   
346 F F5   . CFH F . ? 0.3048 0.7310 0.3533 -0.0477 -0.0127 0.1218  102 CFH C F5   
347 F F6   . CFH F . ? 0.2523 0.7562 0.3661 -0.0122 -0.1362 0.1889  102 CFH C F6   
348 C C2   . CFH F . ? 0.2970 0.3602 0.2342 -0.0508 -0.1749 -0.0338 102 CFH C C2   
349 O O4   . CFH F . ? 0.1520 0.2159 0.1861 0.0027  -0.0749 -0.0177 102 CFH C O4   
350 C C3   . CFH F . ? 0.4339 0.4123 0.4203 0.0460  -0.1666 -0.1460 102 CFH C C3   
351 F F10  . CFH F . ? 0.6311 0.4657 0.3277 0.0939  -0.1415 -0.1498 102 CFH C F10  
352 F F8   . CFH F . ? 0.4787 0.4077 0.2794 0.0856  -0.0781 -0.1002 102 CFH C F8   
353 F F9   . CFH F . ? 0.7663 0.3118 0.6799 -0.0436 -0.1403 -0.0962 102 CFH C F9   
354 H H2   . CFH F . ? 0.2998 0.3297 0.2505 -0.0241 -0.1524 -0.0107 102 CFH C H2   
355 F F7   . CFH G . ? 0.4732 0.2636 0.2412 -0.0430 -0.0441 -0.0539 101 CFH D F7   
356 C C1   . CFH G . ? 0.4049 0.2118 0.1739 -0.0199 0.0590  -0.0467 101 CFH D C1   
357 F F5   . CFH G . ? 0.3526 0.2025 0.2439 -0.0031 0.0496  -0.0163 101 CFH D F5   
358 F F6   . CFH G . ? 0.5673 0.2705 0.2155 0.0192  0.0947  -0.1017 101 CFH D F6   
359 C C2   . CFH G . ? 0.2555 0.2165 0.1900 -0.0042 0.0415  -0.0334 101 CFH D C2   
360 O O4   . CFH G . ? 0.1390 0.2095 0.1638 0.0141  -0.0075 -0.0180 101 CFH D O4   
361 C C3   . CFH G . ? 0.1833 0.2570 0.1682 0.0091  0.0174  -0.0235 101 CFH D C3   
362 F F10  . CFH G . ? 0.1727 0.2760 0.1873 0.0186  0.0131  0.0007  101 CFH D F10  
363 F F8   . CFH G . ? 0.1683 0.2750 0.1830 0.0384  0.0208  -0.0156 101 CFH D F8   
364 F F9   . CFH G . ? 0.1948 0.2578 0.2141 -0.0390 0.0242  0.0099  101 CFH D F9   
365 H H2   . CFH G . ? 0.2537 0.2231 0.1800 0.0013  0.0366  -0.0308 101 CFH D H2   
366 F F7   . CFH H . ? 0.2932 0.2999 0.2802 -0.0167 -0.0378 0.0107  102 CFH D F7   
367 C C1   . CFH H . ? 0.1979 0.2834 0.2240 0.0505  0.0116  -0.0258 102 CFH D C1   
368 F F5   . CFH H . ? 0.1776 0.3638 0.2023 0.0397  -0.1100 -0.0952 102 CFH D F5   
369 F F6   . CFH H . ? 0.1837 0.2691 0.2166 0.0775  0.0398  -0.0064 102 CFH D F6   
370 C C2   . CFH H . ? 0.2108 0.2610 0.1992 0.0286  -0.0195 -0.0552 102 CFH D C2   
371 O O4   . CFH H . ? 0.1477 0.2414 0.1998 0.0209  0.0137  -0.0252 102 CFH D O4   
372 C C3   . CFH H . ? 0.3334 0.2545 0.2001 0.0304  -0.0304 -0.0741 102 CFH D C3   
373 F F10  . CFH H . ? 0.2790 0.2278 0.2387 0.0685  0.0004  -0.0395 102 CFH D F10  
374 F F8   . CFH H . ? 0.3946 0.2828 0.3911 -0.1194 -0.0072 -0.1262 102 CFH D F8   
375 F F9   . CFH H . ? 0.3544 0.3671 0.1915 0.0094  -0.0152 -0.0186 102 CFH D F9   
376 H H2   . CFH H . ? 0.2095 0.2591 0.2041 0.0344  -0.0068 -0.0442 102 CFH D H2   
# 
